data_3HQN
#
_entry.id   3HQN
#
_cell.length_a   120.579
_cell.length_b   167.333
_cell.length_c   132.199
_cell.angle_alpha   90.00
_cell.angle_beta   90.00
_cell.angle_gamma   90.00
#
_symmetry.space_group_name_H-M   'I 2 2 2'
#
loop_
_entity.id
_entity.type
_entity.pdbx_description
1 polymer 'Pyruvate kinase'
2 non-polymer GLYCEROL
3 non-polymer 'SULFATE ION'
4 non-polymer 'POTASSIUM ION'
5 water water
#
_entity_poly.entity_id   1
_entity_poly.type   'polypeptide(L)'
_entity_poly.pdbx_seq_one_letter_code
;MSQLAHNLTLSIFDPVANYRAARIICTIGPSTQSVEALKGLIQSGMSVARMNFSHGSHEYHQTTINNVRQAAAELGVNIA
IALDTKGPEIRTGQFVGGDAVMERGATCYVTTDPAFADKGTKDKFYIDYQNLSKVVRPGNYIYIDDGILILQVQSHEDEQ
TLECTVTNSHTISDRRGVNLPGCDVDLPAVSAKDRVDLQFGVEQGVDMIFASFIRSAEQVGDVRKALGPKGRDIMIICKI
ENHQGVQNIDSIIEESDGIMVARGDLGVEIPAEKVVVAQKILISKCNVAGKPVICATQMLESMTYNPRPTRAEVSDVANA
VFNGADCVMLSGETAKGKYPNEVVQYMARICLEAQSALNEYVFFNSIKKLQHIPMSADEAVCSSAVNSVYETKAKAMVVL
SNTGRSARLVAKYRPNCPIVCVTTRLQTCRQLNITQGVESVFFDADKLGHDEGKEHRVAAGVEFAKSKGYVQTGDYCVVI
HADHKVKGYANQTRILLVE
;
_entity_poly.pdbx_strand_id   D,A
#
loop_
_chem_comp.id
_chem_comp.type
_chem_comp.name
_chem_comp.formula
GOL non-polymer GLYCEROL 'C3 H8 O3'
K non-polymer 'POTASSIUM ION' 'K 1'
SO4 non-polymer 'SULFATE ION' 'O4 S -2'
#
# COMPACT_ATOMS: atom_id res chain seq x y z
N SER A 2 10.62 -12.77 -2.73
CA SER A 2 10.13 -14.33 -2.84
C SER A 2 8.80 -14.56 -2.14
N GLN A 3 8.34 -13.41 -1.75
CA GLN A 3 6.99 -13.13 -1.54
C GLN A 3 6.20 -13.63 -2.78
N LEU A 4 6.78 -13.46 -3.98
CA LEU A 4 6.04 -13.77 -5.24
C LEU A 4 5.63 -15.24 -5.24
N ALA A 5 6.57 -16.18 -4.95
CA ALA A 5 6.21 -17.60 -4.98
C ALA A 5 5.22 -17.91 -3.86
N HIS A 6 5.40 -17.25 -2.73
CA HIS A 6 4.50 -17.48 -1.59
C HIS A 6 3.06 -16.99 -1.89
N ASN A 7 2.93 -15.88 -2.63
CA ASN A 7 1.60 -15.39 -3.08
C ASN A 7 0.84 -16.49 -3.89
N LEU A 8 1.55 -17.25 -4.71
CA LEU A 8 0.87 -18.17 -5.59
C LEU A 8 0.15 -19.28 -4.78
N THR A 9 0.63 -19.56 -3.55
CA THR A 9 0.17 -20.72 -2.75
C THR A 9 -0.96 -20.29 -1.82
N LEU A 10 -1.20 -18.98 -1.73
CA LEU A 10 -2.09 -18.48 -0.68
C LEU A 10 -3.60 -18.66 -1.01
N SER A 11 -4.45 -18.82 0.00
CA SER A 11 -5.90 -18.72 -0.23
C SER A 11 -6.53 -17.76 0.73
N ILE A 12 -7.29 -16.79 0.25
CA ILE A 12 -7.92 -15.89 1.21
C ILE A 12 -8.99 -16.52 2.10
N PHE A 13 -9.43 -17.73 1.76
CA PHE A 13 -10.42 -18.47 2.56
C PHE A 13 -9.78 -19.42 3.63
N ASP A 14 -8.46 -19.47 3.70
CA ASP A 14 -7.80 -20.26 4.74
C ASP A 14 -7.82 -19.50 6.07
N PRO A 15 -7.65 -20.19 7.22
CA PRO A 15 -7.67 -19.48 8.51
C PRO A 15 -6.48 -18.58 8.65
N VAL A 16 -6.61 -17.53 9.44
CA VAL A 16 -5.50 -16.65 9.78
C VAL A 16 -4.60 -17.35 10.82
N ALA A 17 -3.45 -16.74 11.09
CA ALA A 17 -2.54 -17.29 12.09
C ALA A 17 -3.18 -17.29 13.48
N ASN A 18 -2.53 -18.04 14.37
CA ASN A 18 -2.97 -18.08 15.76
C ASN A 18 -2.36 -17.00 16.70
N TYR A 19 -1.64 -15.99 16.15
CA TYR A 19 -1.00 -14.91 16.95
C TYR A 19 -0.85 -13.73 15.98
N ARG A 20 -0.89 -12.53 16.54
CA ARG A 20 -0.71 -11.33 15.72
C ARG A 20 0.67 -10.82 16.15
N ALA A 21 1.56 -10.60 15.16
CA ALA A 21 2.95 -10.13 15.48
C ALA A 21 3.07 -8.60 15.60
N ALA A 22 2.38 -7.84 14.75
CA ALA A 22 2.53 -6.36 14.77
C ALA A 22 1.96 -5.81 16.07
N ARG A 23 2.48 -4.69 16.51
CA ARG A 23 2.00 -4.13 17.75
C ARG A 23 1.27 -2.82 17.51
N ILE A 24 0.28 -2.53 18.32
CA ILE A 24 -0.50 -1.33 18.13
C ILE A 24 -0.24 -0.29 19.22
N ILE A 25 0.15 0.91 18.82
CA ILE A 25 0.30 2.02 19.75
C ILE A 25 -0.92 2.97 19.66
N CYS A 26 -1.50 3.35 20.79
CA CYS A 26 -2.67 4.26 20.78
C CYS A 26 -2.39 5.54 21.52
N THR A 27 -2.81 6.64 20.96
CA THR A 27 -2.61 7.94 21.64
C THR A 27 -3.81 8.18 22.58
N ILE A 28 -3.52 8.60 23.79
CA ILE A 28 -4.53 8.84 24.80
C ILE A 28 -5.00 10.30 24.76
N GLY A 29 -6.32 10.44 24.72
CA GLY A 29 -6.97 11.77 24.88
C GLY A 29 -8.37 11.65 25.45
N PRO A 30 -9.24 12.66 25.22
CA PRO A 30 -10.51 12.65 25.95
C PRO A 30 -11.42 11.45 25.71
N SER A 31 -11.36 10.81 24.55
CA SER A 31 -12.18 9.63 24.25
C SER A 31 -11.71 8.43 25.04
N THR A 32 -10.47 8.48 25.56
CA THR A 32 -9.79 7.26 26.03
C THR A 32 -9.06 7.37 27.38
N GLN A 33 -9.17 8.51 28.07
CA GLN A 33 -8.29 8.62 29.23
C GLN A 33 -8.79 7.87 30.48
N SER A 34 -10.08 7.56 30.56
CA SER A 34 -10.60 6.93 31.79
C SER A 34 -10.01 5.54 31.93
N VAL A 35 -9.98 5.05 33.17
CA VAL A 35 -9.58 3.69 33.43
C VAL A 35 -10.40 2.70 32.57
N GLU A 36 -11.74 2.75 32.62
CA GLU A 36 -12.60 1.87 31.77
C GLU A 36 -12.33 1.93 30.26
N ALA A 37 -12.18 3.13 29.70
CA ALA A 37 -11.85 3.25 28.30
C ALA A 37 -10.48 2.57 27.98
N LEU A 38 -9.48 2.75 28.86
CA LEU A 38 -8.16 2.17 28.70
C LEU A 38 -8.21 0.68 28.74
N LYS A 39 -9.11 0.16 29.56
CA LYS A 39 -9.33 -1.29 29.56
C LYS A 39 -9.93 -1.74 28.24
N GLY A 40 -10.87 -0.98 27.68
CA GLY A 40 -11.43 -1.33 26.36
C GLY A 40 -10.31 -1.35 25.28
N LEU A 41 -9.40 -0.40 25.34
CA LEU A 41 -8.27 -0.32 24.42
C LEU A 41 -7.38 -1.51 24.56
N ILE A 42 -6.99 -1.80 25.78
CA ILE A 42 -6.12 -2.97 26.03
C ILE A 42 -6.80 -4.22 25.46
N GLN A 43 -8.09 -4.44 25.77
CA GLN A 43 -8.76 -5.66 25.29
C GLN A 43 -8.91 -5.62 23.76
N SER A 44 -9.01 -4.42 23.19
CA SER A 44 -9.07 -4.30 21.71
C SER A 44 -7.73 -4.57 20.97
N GLY A 45 -6.62 -4.42 21.67
CA GLY A 45 -5.28 -4.77 21.12
C GLY A 45 -4.20 -3.73 21.37
N MET A 46 -4.42 -2.74 22.23
CA MET A 46 -3.38 -1.74 22.49
C MET A 46 -2.21 -2.36 23.28
N SER A 47 -0.96 -2.07 22.88
CA SER A 47 0.25 -2.56 23.64
C SER A 47 1.00 -1.39 24.25
N VAL A 48 0.77 -0.21 23.68
CA VAL A 48 1.50 0.99 24.08
C VAL A 48 0.57 2.19 24.15
N ALA A 49 0.65 2.91 25.28
CA ALA A 49 -0.13 4.18 25.45
C ALA A 49 0.80 5.33 25.18
N ARG A 50 0.45 6.16 24.19
CA ARG A 50 1.24 7.33 23.85
C ARG A 50 0.59 8.62 24.42
N MET A 51 1.41 9.41 25.09
CA MET A 51 0.98 10.68 25.60
C MET A 51 1.56 11.73 24.68
N ASN A 52 0.70 12.52 24.06
CA ASN A 52 1.17 13.61 23.20
C ASN A 52 1.40 14.89 23.97
N PHE A 53 2.66 15.18 24.28
CA PHE A 53 3.01 16.35 25.10
C PHE A 53 3.03 17.63 24.28
N SER A 54 2.63 17.58 23.01
CA SER A 54 2.31 18.89 22.31
C SER A 54 1.17 19.66 23.03
N HIS A 55 0.22 18.92 23.63
CA HIS A 55 -0.86 19.51 24.44
C HIS A 55 -0.99 18.91 25.82
N GLY A 56 -1.58 19.68 26.74
CA GLY A 56 -1.97 19.14 28.02
C GLY A 56 -0.91 19.38 29.05
N SER A 57 -1.34 19.56 30.30
CA SER A 57 -0.44 19.87 31.42
C SER A 57 0.18 18.59 31.98
N HIS A 58 1.21 18.72 32.82
CA HIS A 58 1.70 17.61 33.62
C HIS A 58 0.64 16.89 34.41
N GLU A 59 -0.34 17.62 35.00
CA GLU A 59 -1.44 17.00 35.75
C GLU A 59 -2.28 16.13 34.85
N TYR A 60 -2.57 16.64 33.66
CA TYR A 60 -3.30 15.86 32.68
C TYR A 60 -2.57 14.55 32.31
N HIS A 61 -1.27 14.64 32.07
CA HIS A 61 -0.49 13.43 31.66
C HIS A 61 -0.25 12.51 32.84
N GLN A 62 -0.22 13.06 34.05
CA GLN A 62 -0.13 12.17 35.23
C GLN A 62 -1.37 11.25 35.34
N THR A 63 -2.54 11.80 35.01
CA THR A 63 -3.80 11.07 35.00
C THR A 63 -3.74 9.93 33.98
N THR A 64 -3.23 10.19 32.77
CA THR A 64 -3.02 9.10 31.80
C THR A 64 -2.08 8.07 32.44
N ILE A 65 -0.98 8.55 32.98
CA ILE A 65 -0.02 7.62 33.53
C ILE A 65 -0.62 6.73 34.60
N ASN A 66 -1.42 7.30 35.51
CA ASN A 66 -2.00 6.54 36.59
C ASN A 66 -3.07 5.60 36.10
N ASN A 67 -3.93 6.09 35.22
CA ASN A 67 -5.02 5.30 34.69
C ASN A 67 -4.55 4.11 33.83
N VAL A 68 -3.47 4.33 33.07
CA VAL A 68 -2.90 3.24 32.28
C VAL A 68 -2.40 2.18 33.23
N ARG A 69 -1.62 2.56 34.24
CA ARG A 69 -1.05 1.59 35.14
C ARG A 69 -2.15 0.84 35.88
N GLN A 70 -3.25 1.55 36.20
CA GLN A 70 -4.35 0.91 36.98
C GLN A 70 -5.09 -0.04 36.06
N ALA A 71 -5.37 0.41 34.83
CA ALA A 71 -6.08 -0.41 33.86
C ALA A 71 -5.26 -1.72 33.52
N ALA A 72 -3.96 -1.57 33.36
CA ALA A 72 -3.10 -2.74 33.05
C ALA A 72 -2.99 -3.71 34.26
N ALA A 73 -2.86 -3.18 35.50
CA ALA A 73 -2.85 -4.04 36.70
C ALA A 73 -4.17 -4.80 36.83
N GLU A 74 -5.32 -4.14 36.59
CA GLU A 74 -6.62 -4.84 36.75
C GLU A 74 -6.77 -5.91 35.70
N LEU A 75 -6.15 -5.70 34.54
CA LEU A 75 -6.23 -6.75 33.51
C LEU A 75 -5.09 -7.77 33.57
N GLY A 76 -4.12 -7.62 34.48
CA GLY A 76 -2.99 -8.56 34.59
C GLY A 76 -1.93 -8.46 33.46
N VAL A 77 -1.74 -7.28 32.84
CA VAL A 77 -0.85 -7.18 31.66
C VAL A 77 0.16 -6.05 31.85
N ASN A 78 1.21 -6.01 31.00
CA ASN A 78 2.24 -4.97 31.03
C ASN A 78 2.06 -4.12 29.81
N ILE A 79 1.82 -2.80 30.00
CA ILE A 79 1.52 -1.88 28.91
C ILE A 79 2.62 -0.84 28.95
N ALA A 80 3.28 -0.58 27.81
CA ALA A 80 4.28 0.50 27.77
C ALA A 80 3.66 1.89 27.80
N ILE A 81 4.42 2.85 28.32
CA ILE A 81 4.04 4.24 28.33
C ILE A 81 5.11 5.02 27.64
N ALA A 82 4.68 5.75 26.63
CA ALA A 82 5.53 6.52 25.77
C ALA A 82 5.21 8.00 25.92
N LEU A 83 6.26 8.81 26.06
CA LEU A 83 6.14 10.23 26.11
C LEU A 83 6.60 10.82 24.78
N ASP A 84 5.67 11.41 24.01
CA ASP A 84 5.93 11.95 22.74
C ASP A 84 6.13 13.48 22.86
N THR A 85 7.36 13.99 22.66
CA THR A 85 7.69 15.41 22.98
C THR A 85 7.08 16.45 22.00
N LYS A 86 6.78 17.64 22.50
CA LYS A 86 6.28 18.71 21.59
C LYS A 86 7.40 19.02 20.60
N GLY A 87 8.63 19.12 21.07
CA GLY A 87 9.74 19.37 20.17
C GLY A 87 9.87 20.86 19.82
N PRO A 88 10.97 21.25 19.20
CA PRO A 88 11.18 22.64 18.71
C PRO A 88 10.12 22.93 17.62
N GLU A 89 9.62 24.16 17.56
CA GLU A 89 8.66 24.59 16.55
C GLU A 89 9.08 25.97 16.00
N ILE A 90 8.80 26.18 14.72
CA ILE A 90 8.85 27.49 14.09
C ILE A 90 7.42 27.95 13.94
N ARG A 91 7.15 29.14 14.48
CA ARG A 91 5.86 29.78 14.38
C ARG A 91 5.97 31.27 13.92
N THR A 92 4.93 31.72 13.24
CA THR A 92 4.74 33.18 13.03
C THR A 92 4.37 33.84 14.34
N GLY A 93 4.42 35.16 14.34
CA GLY A 93 3.91 35.95 15.44
C GLY A 93 2.42 36.18 15.26
N GLN A 94 1.95 37.24 15.93
CA GLN A 94 0.58 37.72 15.88
C GLN A 94 0.40 38.68 14.70
N PHE A 95 -0.82 38.75 14.19
CA PHE A 95 -1.20 39.79 13.24
C PHE A 95 -2.17 40.79 13.85
N VAL A 96 -2.11 42.05 13.40
CA VAL A 96 -3.05 43.11 13.82
C VAL A 96 -4.48 42.72 13.37
N GLY A 97 -5.46 42.95 14.25
CA GLY A 97 -6.83 42.49 14.02
C GLY A 97 -7.02 40.99 14.19
N GLY A 98 -6.03 40.32 14.75
CA GLY A 98 -6.06 38.87 14.96
C GLY A 98 -5.75 38.01 13.75
N ASP A 99 -5.79 38.61 12.56
CA ASP A 99 -5.80 37.88 11.27
C ASP A 99 -5.01 38.64 10.19
N ALA A 100 -4.67 37.98 9.07
CA ALA A 100 -4.02 38.67 7.93
C ALA A 100 -4.21 37.98 6.57
N VAL A 101 -4.73 38.74 5.61
CA VAL A 101 -5.25 38.24 4.36
C VAL A 101 -4.21 38.24 3.21
N MET A 102 -3.57 37.11 2.98
CA MET A 102 -2.45 36.97 2.01
C MET A 102 -2.92 36.68 0.58
N GLU A 103 -2.70 37.61 -0.36
CA GLU A 103 -3.22 37.43 -1.73
C GLU A 103 -2.17 36.92 -2.68
N ARG A 104 -2.57 36.20 -3.72
CA ARG A 104 -1.61 35.67 -4.68
C ARG A 104 -0.95 36.81 -5.49
N GLY A 105 0.36 36.74 -5.71
CA GLY A 105 1.05 37.80 -6.47
C GLY A 105 1.63 38.93 -5.61
N ALA A 106 1.06 39.17 -4.42
CA ALA A 106 1.50 40.22 -3.46
C ALA A 106 2.92 40.03 -2.94
N THR A 107 3.56 41.15 -2.58
CA THR A 107 4.83 41.14 -1.85
C THR A 107 4.59 41.33 -0.34
N CYS A 108 5.26 40.49 0.46
CA CYS A 108 5.26 40.68 1.94
C CYS A 108 6.66 40.48 2.50
N TYR A 109 6.87 40.85 3.75
CA TYR A 109 8.21 40.90 4.35
C TYR A 109 8.14 40.03 5.60
N VAL A 110 9.05 39.08 5.73
CA VAL A 110 9.04 38.22 6.93
C VAL A 110 10.29 38.56 7.70
N THR A 111 10.12 38.84 8.98
CA THR A 111 11.23 39.31 9.74
C THR A 111 11.43 38.52 11.00
N THR A 112 12.66 38.41 11.47
CA THR A 112 12.90 37.87 12.79
C THR A 112 13.17 38.93 13.84
N ASP A 113 12.97 40.20 13.48
CA ASP A 113 13.08 41.31 14.44
C ASP A 113 11.95 41.15 15.50
N PRO A 114 12.33 40.94 16.78
CA PRO A 114 11.30 40.59 17.77
C PRO A 114 10.34 41.75 18.09
N ALA A 115 10.76 43.00 17.82
CA ALA A 115 9.84 44.17 17.84
C ALA A 115 8.47 43.90 17.15
N PHE A 116 8.42 42.98 16.19
CA PHE A 116 7.23 42.70 15.36
C PHE A 116 6.32 41.54 15.76
N ALA A 117 6.59 40.93 16.91
CA ALA A 117 5.89 39.68 17.32
C ALA A 117 4.39 39.86 17.58
N ASP A 118 3.99 41.07 17.96
CA ASP A 118 2.58 41.36 18.25
C ASP A 118 1.98 42.43 17.32
N LYS A 119 2.62 42.66 16.16
CA LYS A 119 2.18 43.71 15.20
C LYS A 119 2.55 43.38 13.75
N GLY A 120 2.42 42.11 13.41
CA GLY A 120 2.53 41.72 12.00
C GLY A 120 1.34 42.26 11.20
N THR A 121 1.44 42.22 9.88
CA THR A 121 0.32 42.59 9.00
C THR A 121 0.60 41.81 7.75
N LYS A 122 -0.32 41.84 6.79
CA LYS A 122 -0.02 41.15 5.55
C LYS A 122 1.28 41.64 4.90
N ASP A 123 1.65 42.90 5.21
CA ASP A 123 2.83 43.59 4.69
C ASP A 123 4.12 43.08 5.31
N LYS A 124 4.13 42.91 6.62
CA LYS A 124 5.33 42.46 7.32
C LYS A 124 5.01 41.84 8.66
N PHE A 125 5.53 40.65 8.85
CA PHE A 125 5.29 39.97 10.12
C PHE A 125 6.48 39.13 10.57
N TYR A 126 6.38 38.64 11.78
CA TYR A 126 7.45 37.97 12.45
C TYR A 126 7.31 36.45 12.32
N ILE A 127 8.45 35.78 12.10
CA ILE A 127 8.64 34.34 12.22
C ILE A 127 9.68 34.16 13.33
N ASP A 128 9.41 33.29 14.29
CA ASP A 128 10.20 33.32 15.53
C ASP A 128 11.52 32.53 15.50
N TYR A 129 11.98 32.13 14.32
CA TYR A 129 13.21 31.33 14.21
C TYR A 129 14.31 32.27 13.83
N GLN A 130 15.16 32.60 14.81
CA GLN A 130 16.12 33.71 14.66
C GLN A 130 17.16 33.52 13.56
N ASN A 131 17.39 32.27 13.21
CA ASN A 131 18.28 31.95 12.13
C ASN A 131 17.60 31.89 10.79
N LEU A 132 16.35 32.35 10.64
CA LEU A 132 15.64 32.19 9.33
C LEU A 132 16.49 32.63 8.12
N SER A 133 17.08 33.85 8.21
CA SER A 133 17.82 34.47 7.11
C SER A 133 19.06 33.72 6.71
N LYS A 134 19.78 33.18 7.69
CA LYS A 134 20.99 32.44 7.40
C LYS A 134 20.63 31.10 6.71
N VAL A 135 19.45 30.57 6.98
CA VAL A 135 19.17 29.21 6.51
C VAL A 135 18.53 29.22 5.14
N VAL A 136 17.84 30.30 4.80
CA VAL A 136 17.13 30.35 3.53
C VAL A 136 17.93 31.16 2.49
N ARG A 137 17.77 30.82 1.20
CA ARG A 137 18.32 31.61 0.08
C ARG A 137 17.21 31.99 -0.93
N PRO A 138 17.47 33.01 -1.81
CA PRO A 138 16.55 33.34 -2.92
C PRO A 138 16.14 32.08 -3.72
N GLY A 139 14.83 31.90 -3.93
CA GLY A 139 14.31 30.75 -4.66
C GLY A 139 13.65 29.74 -3.73
N ASN A 140 14.22 29.60 -2.53
CA ASN A 140 13.61 28.73 -1.49
C ASN A 140 12.16 29.10 -1.16
N TYR A 141 11.44 28.10 -0.69
CA TYR A 141 10.03 28.24 -0.35
C TYR A 141 9.86 28.26 1.18
N ILE A 142 8.86 28.94 1.65
CA ILE A 142 8.61 28.97 3.05
C ILE A 142 7.19 28.66 3.14
N TYR A 143 6.84 27.64 3.91
CA TYR A 143 5.43 27.16 4.08
C TYR A 143 4.84 27.62 5.39
N ILE A 144 3.59 27.96 5.39
CA ILE A 144 2.98 28.44 6.58
C ILE A 144 1.62 27.89 6.60
N ASP A 145 1.13 27.61 7.78
CA ASP A 145 -0.17 27.00 7.97
C ASP A 145 -0.27 25.64 7.27
N ASP A 146 0.40 24.65 7.83
CA ASP A 146 0.24 23.30 7.33
C ASP A 146 0.84 23.13 5.92
N GLY A 147 1.62 24.13 5.48
CA GLY A 147 2.09 24.21 4.07
C GLY A 147 1.04 24.79 3.09
N ILE A 148 -0.04 25.40 3.60
CA ILE A 148 -1.09 25.82 2.74
C ILE A 148 -0.72 27.09 2.03
N LEU A 149 -0.11 28.01 2.77
CA LEU A 149 0.32 29.29 2.20
C LEU A 149 1.78 29.10 1.82
N ILE A 150 2.09 29.30 0.56
CA ILE A 150 3.46 29.08 0.10
C ILE A 150 4.02 30.42 -0.32
N LEU A 151 4.96 30.93 0.48
CA LEU A 151 5.64 32.15 0.12
C LEU A 151 6.93 31.70 -0.56
N GLN A 152 7.38 32.48 -1.55
CA GLN A 152 8.73 32.28 -2.09
C GLN A 152 9.69 33.43 -1.78
N VAL A 153 10.88 33.05 -1.34
CA VAL A 153 11.91 34.00 -0.99
C VAL A 153 12.56 34.66 -2.21
N GLN A 154 12.52 36.00 -2.22
CA GLN A 154 13.06 36.75 -3.36
C GLN A 154 14.43 37.31 -2.99
N SER A 155 14.54 37.93 -1.81
CA SER A 155 15.78 38.58 -1.44
C SER A 155 15.82 38.85 0.05
N HIS A 156 17.01 39.24 0.51
CA HIS A 156 17.24 39.72 1.84
C HIS A 156 17.02 41.23 1.79
N GLU A 157 15.85 41.70 2.23
CA GLU A 157 15.65 43.15 2.48
C GLU A 157 16.73 43.65 3.42
N ASP A 158 16.95 42.95 4.54
CA ASP A 158 18.08 43.26 5.42
C ASP A 158 18.56 42.03 6.17
N GLU A 159 19.38 42.22 7.20
CA GLU A 159 19.91 41.05 7.84
C GLU A 159 18.92 40.21 8.66
N GLN A 160 17.70 40.73 8.90
CA GLN A 160 16.65 40.05 9.65
C GLN A 160 15.34 39.92 8.91
N THR A 161 15.28 40.38 7.67
CA THR A 161 14.01 40.48 6.99
C THR A 161 14.17 39.96 5.57
N LEU A 162 13.21 39.15 5.14
CA LEU A 162 13.18 38.58 3.82
C LEU A 162 12.03 39.17 3.02
N GLU A 163 12.31 39.62 1.80
CA GLU A 163 11.25 40.03 0.88
C GLU A 163 10.71 38.73 0.27
N CYS A 164 9.41 38.52 0.33
CA CYS A 164 8.79 37.31 -0.23
C CYS A 164 7.74 37.63 -1.27
N THR A 165 7.55 36.74 -2.25
CA THR A 165 6.33 36.69 -3.08
C THR A 165 5.29 35.76 -2.44
N VAL A 166 4.02 36.14 -2.46
CA VAL A 166 2.96 35.22 -2.13
C VAL A 166 2.53 34.36 -3.37
N THR A 167 2.77 33.03 -3.33
CA THR A 167 2.51 32.21 -4.53
C THR A 167 1.07 31.73 -4.65
N ASN A 168 0.33 31.73 -3.54
CA ASN A 168 -1.10 31.34 -3.58
C ASN A 168 -1.86 32.00 -2.44
N SER A 169 -3.15 32.21 -2.66
CA SER A 169 -3.97 33.03 -1.76
C SER A 169 -4.31 32.21 -0.54
N HIS A 170 -4.35 32.85 0.62
CA HIS A 170 -4.77 32.19 1.85
C HIS A 170 -4.76 33.16 3.02
N THR A 171 -5.85 33.16 3.77
CA THR A 171 -5.93 33.96 4.98
C THR A 171 -5.25 33.13 6.06
N ILE A 172 -4.35 33.78 6.80
CA ILE A 172 -3.67 33.12 7.93
C ILE A 172 -3.92 33.83 9.26
N SER A 173 -4.23 33.09 10.31
CA SER A 173 -4.44 33.70 11.64
C SER A 173 -3.15 33.66 12.48
N ASP A 174 -3.24 34.07 13.75
CA ASP A 174 -2.07 34.14 14.64
C ASP A 174 -1.32 32.85 14.79
N ARG A 175 0.01 32.99 14.74
CA ARG A 175 0.93 31.95 15.21
C ARG A 175 0.87 30.63 14.49
N ARG A 176 0.85 30.64 13.16
CA ARG A 176 0.91 29.38 12.43
C ARG A 176 2.30 28.77 12.38
N GLY A 177 2.37 27.45 12.20
CA GLY A 177 3.64 26.76 12.12
C GLY A 177 4.25 26.99 10.75
N VAL A 178 5.56 27.01 10.66
CA VAL A 178 6.12 27.18 9.38
C VAL A 178 7.02 25.98 9.10
N ASN A 179 7.21 25.67 7.82
CA ASN A 179 8.23 24.71 7.44
C ASN A 179 9.17 25.28 6.43
N LEU A 180 10.28 24.59 6.19
CA LEU A 180 11.33 25.06 5.34
C LEU A 180 11.90 23.90 4.45
N PRO A 181 11.18 23.52 3.37
CA PRO A 181 11.52 22.23 2.81
C PRO A 181 12.88 22.08 2.18
N GLY A 182 13.49 23.14 1.70
CA GLY A 182 14.80 22.98 1.08
C GLY A 182 15.85 23.49 2.06
N CYS A 183 15.52 23.41 3.33
CA CYS A 183 16.33 24.13 4.31
C CYS A 183 16.70 23.25 5.45
N ASP A 184 17.96 23.37 5.83
CA ASP A 184 18.47 22.64 6.95
C ASP A 184 18.20 23.45 8.22
N VAL A 185 17.16 23.05 8.91
CA VAL A 185 16.75 23.80 10.10
C VAL A 185 17.65 23.44 11.26
N ASP A 186 18.13 24.42 12.01
CA ASP A 186 19.15 24.14 13.06
C ASP A 186 18.73 24.52 14.47
N LEU A 187 17.44 24.59 14.71
CA LEU A 187 16.87 24.61 16.06
C LEU A 187 17.49 23.50 16.93
N PRO A 188 17.55 23.72 18.26
CA PRO A 188 18.15 22.74 19.15
C PRO A 188 17.32 21.46 19.16
N ALA A 189 17.92 20.37 19.59
CA ALA A 189 17.22 19.09 19.50
C ALA A 189 16.07 19.10 20.46
N VAL A 190 16.29 19.71 21.62
CA VAL A 190 15.29 19.77 22.70
C VAL A 190 15.05 21.24 23.11
N SER A 191 13.81 21.68 23.03
CA SER A 191 13.41 22.99 23.53
C SER A 191 13.55 23.07 25.07
N ALA A 192 13.38 24.28 25.62
CA ALA A 192 13.29 24.44 27.06
C ALA A 192 12.08 23.66 27.66
N LYS A 193 10.93 23.64 27.02
CA LYS A 193 9.82 22.81 27.49
C LYS A 193 10.06 21.27 27.45
N ASP A 194 10.65 20.77 26.35
CA ASP A 194 11.14 19.39 26.26
C ASP A 194 12.03 19.05 27.46
N ARG A 195 12.91 19.96 27.84
CA ARG A 195 13.86 19.65 28.88
C ARG A 195 13.09 19.40 30.19
N VAL A 196 12.05 20.19 30.45
CA VAL A 196 11.24 20.01 31.67
C VAL A 196 10.41 18.73 31.51
N ASP A 197 9.90 18.51 30.32
CA ASP A 197 8.97 17.40 30.06
C ASP A 197 9.74 16.04 30.12
N LEU A 198 10.99 16.02 29.65
CA LEU A 198 11.80 14.78 29.66
C LEU A 198 12.16 14.46 31.09
N GLN A 199 12.41 15.51 31.89
CA GLN A 199 12.74 15.30 33.32
C GLN A 199 11.51 14.67 34.08
N PHE A 200 10.32 15.12 33.72
CA PHE A 200 9.09 14.54 34.25
C PHE A 200 8.90 13.07 33.84
N GLY A 201 9.17 12.72 32.54
CA GLY A 201 9.11 11.36 32.16
C GLY A 201 10.02 10.46 32.97
N VAL A 202 11.24 10.95 33.24
CA VAL A 202 12.16 10.12 34.01
C VAL A 202 11.62 9.90 35.46
N GLU A 203 11.25 11.01 36.11
CA GLU A 203 10.67 10.92 37.49
C GLU A 203 9.49 9.97 37.53
N GLN A 204 8.64 9.97 36.50
CA GLN A 204 7.46 9.09 36.50
C GLN A 204 7.69 7.71 35.90
N GLY A 205 8.94 7.40 35.51
CA GLY A 205 9.31 6.03 35.01
C GLY A 205 8.66 5.62 33.67
N VAL A 206 8.59 6.54 32.69
CA VAL A 206 8.05 6.20 31.39
C VAL A 206 9.00 5.16 30.71
N ASP A 207 8.52 4.40 29.76
CA ASP A 207 9.38 3.39 29.15
C ASP A 207 10.18 3.87 27.92
N MET A 208 9.67 4.86 27.22
CA MET A 208 10.29 5.32 25.97
C MET A 208 9.91 6.75 25.67
N ILE A 209 10.79 7.45 24.94
CA ILE A 209 10.53 8.82 24.48
C ILE A 209 10.34 8.75 22.94
N PHE A 210 9.26 9.31 22.40
CA PHE A 210 9.17 9.52 20.95
C PHE A 210 9.66 10.98 20.75
N ALA A 211 10.89 11.13 20.28
CA ALA A 211 11.56 12.39 20.24
C ALA A 211 11.27 13.06 18.87
N SER A 212 10.65 14.25 18.97
CA SER A 212 10.17 14.95 17.82
C SER A 212 11.30 15.53 16.97
N PHE A 213 11.07 15.53 15.66
CA PHE A 213 11.79 16.33 14.69
C PHE A 213 13.29 16.05 14.75
N ILE A 214 13.68 14.79 14.77
CA ILE A 214 15.08 14.43 14.84
C ILE A 214 15.76 14.57 13.46
N ARG A 215 16.84 15.32 13.38
CA ARG A 215 17.45 15.72 12.11
C ARG A 215 18.86 15.16 11.96
N SER A 216 19.43 14.68 13.05
CA SER A 216 20.81 14.26 13.02
C SER A 216 21.16 13.44 14.23
N ALA A 217 22.25 12.66 14.11
CA ALA A 217 22.71 11.79 15.16
C ALA A 217 23.09 12.53 16.42
N GLU A 218 23.69 13.71 16.27
CA GLU A 218 24.09 14.48 17.49
C GLU A 218 22.84 14.88 18.31
N GLN A 219 21.70 15.07 17.66
CA GLN A 219 20.47 15.44 18.40
C GLN A 219 19.96 14.30 19.20
N VAL A 220 20.24 13.05 18.80
CA VAL A 220 19.76 11.90 19.63
C VAL A 220 20.54 11.93 20.94
N GLY A 221 21.85 12.20 20.82
CA GLY A 221 22.72 12.33 22.02
C GLY A 221 22.27 13.49 22.92
N ASP A 222 21.81 14.63 22.34
CA ASP A 222 21.21 15.73 23.17
C ASP A 222 19.95 15.28 23.97
N VAL A 223 19.06 14.50 23.34
CA VAL A 223 17.89 13.88 24.08
C VAL A 223 18.36 13.00 25.20
N ARG A 224 19.37 12.18 24.92
CA ARG A 224 19.90 11.25 25.90
CA ARG A 224 19.88 11.24 25.89
C ARG A 224 20.48 12.02 27.07
N LYS A 225 21.25 13.06 26.76
CA LYS A 225 21.86 13.85 27.84
C LYS A 225 20.77 14.59 28.62
N ALA A 226 19.70 15.03 27.95
CA ALA A 226 18.62 15.66 28.68
C ALA A 226 17.85 14.64 29.56
N LEU A 227 17.94 13.34 29.25
CA LEU A 227 17.29 12.36 30.14
C LEU A 227 18.09 12.14 31.45
N GLY A 228 19.41 12.34 31.36
CA GLY A 228 20.27 12.31 32.55
C GLY A 228 20.61 10.89 32.92
N PRO A 229 21.40 10.70 34.01
CA PRO A 229 21.92 9.34 34.25
C PRO A 229 20.80 8.42 34.75
N LYS A 230 19.75 9.03 35.31
CA LYS A 230 18.61 8.27 35.84
C LYS A 230 17.68 7.84 34.71
N GLY A 231 17.88 8.42 33.50
CA GLY A 231 17.01 8.00 32.39
C GLY A 231 17.70 7.12 31.38
N ARG A 232 18.78 6.49 31.79
CA ARG A 232 19.65 5.78 30.86
C ARG A 232 18.98 4.53 30.25
N ASP A 233 17.95 3.96 30.90
CA ASP A 233 17.34 2.72 30.37
C ASP A 233 16.03 2.94 29.59
N ILE A 234 15.68 4.20 29.46
CA ILE A 234 14.52 4.64 28.70
C ILE A 234 14.91 4.63 27.22
N MET A 235 14.10 4.00 26.38
CA MET A 235 14.41 4.00 24.95
C MET A 235 14.05 5.30 24.26
N ILE A 236 14.87 5.70 23.32
CA ILE A 236 14.64 6.89 22.55
C ILE A 236 14.26 6.48 21.13
N ILE A 237 13.04 6.74 20.74
CA ILE A 237 12.57 6.44 19.43
C ILE A 237 12.58 7.74 18.63
N CYS A 238 13.35 7.83 17.56
CA CYS A 238 13.46 9.15 16.85
C CYS A 238 12.42 9.33 15.81
N LYS A 239 11.70 10.46 15.89
CA LYS A 239 10.65 10.75 14.88
C LYS A 239 11.25 11.41 13.67
N ILE A 240 11.13 10.79 12.52
CA ILE A 240 11.70 11.30 11.29
C ILE A 240 10.65 12.13 10.59
N GLU A 241 10.90 13.43 10.44
CA GLU A 241 9.84 14.31 10.03
C GLU A 241 10.18 15.20 8.85
N ASN A 242 11.42 15.23 8.41
CA ASN A 242 11.81 16.09 7.31
C ASN A 242 13.00 15.47 6.54
N HIS A 243 13.46 16.18 5.49
CA HIS A 243 14.45 15.66 4.59
C HIS A 243 15.77 15.41 5.33
N GLN A 244 16.11 16.24 6.33
CA GLN A 244 17.34 16.04 7.11
C GLN A 244 17.35 14.70 7.86
N GLY A 245 16.25 14.39 8.53
CA GLY A 245 16.13 13.07 9.17
C GLY A 245 16.32 11.94 8.18
N VAL A 246 15.71 12.08 7.03
CA VAL A 246 15.78 11.04 5.99
C VAL A 246 17.23 10.91 5.46
N GLN A 247 17.89 12.03 5.14
CA GLN A 247 19.31 12.02 4.67
C GLN A 247 20.27 11.42 5.67
N ASN A 248 20.08 11.78 6.94
CA ASN A 248 20.98 11.33 8.02
C ASN A 248 20.47 10.00 8.67
N ILE A 249 19.54 9.30 8.03
CA ILE A 249 18.88 8.16 8.73
C ILE A 249 19.88 7.10 9.24
N ASP A 250 20.95 6.80 8.47
CA ASP A 250 21.89 5.76 9.01
C ASP A 250 22.49 6.09 10.38
N SER A 251 23.09 7.26 10.48
CA SER A 251 23.75 7.65 11.73
C SER A 251 22.68 7.88 12.79
N ILE A 252 21.44 8.27 12.44
CA ILE A 252 20.40 8.41 13.48
C ILE A 252 20.00 7.04 14.03
N ILE A 253 19.80 6.09 13.14
CA ILE A 253 19.48 4.72 13.53
C ILE A 253 20.53 4.14 14.48
N GLU A 254 21.78 4.28 14.12
CA GLU A 254 22.89 3.81 14.92
C GLU A 254 22.84 4.36 16.37
N GLU A 255 22.53 5.63 16.55
CA GLU A 255 22.50 6.22 17.88
C GLU A 255 21.18 5.99 18.64
N SER A 256 20.04 5.75 17.95
CA SER A 256 18.71 5.68 18.58
C SER A 256 18.43 4.24 18.99
N ASP A 257 17.32 4.03 19.66
CA ASP A 257 16.79 2.72 19.99
C ASP A 257 15.70 2.32 19.02
N GLY A 258 15.34 3.21 18.09
CA GLY A 258 14.31 2.88 17.08
C GLY A 258 13.81 4.14 16.43
N ILE A 259 12.86 3.96 15.52
CA ILE A 259 12.46 5.01 14.54
C ILE A 259 10.95 5.05 14.46
N MET A 260 10.45 6.30 14.38
CA MET A 260 9.10 6.55 13.96
C MET A 260 9.02 7.20 12.60
N VAL A 261 8.28 6.58 11.69
CA VAL A 261 8.11 7.17 10.32
C VAL A 261 6.86 8.04 10.38
N ALA A 262 7.04 9.35 10.42
CA ALA A 262 5.91 10.28 10.64
C ALA A 262 5.44 10.76 9.27
N ARG A 263 4.59 9.98 8.61
CA ARG A 263 4.35 10.17 7.15
C ARG A 263 3.71 11.54 6.86
N GLY A 264 2.81 11.99 7.75
CA GLY A 264 2.08 13.29 7.64
C GLY A 264 3.05 14.46 7.77
N ASP A 265 3.95 14.44 8.73
CA ASP A 265 4.92 15.52 8.79
C ASP A 265 5.86 15.50 7.60
N LEU A 266 6.34 14.30 7.21
CA LEU A 266 7.19 14.19 6.04
C LEU A 266 6.49 14.77 4.83
N GLY A 267 5.22 14.43 4.66
CA GLY A 267 4.48 14.87 3.48
C GLY A 267 4.23 16.40 3.37
N VAL A 268 4.47 17.16 4.43
CA VAL A 268 4.40 18.66 4.32
C VAL A 268 5.49 19.14 3.38
N GLU A 269 6.67 18.52 3.43
CA GLU A 269 7.75 19.06 2.62
C GLU A 269 8.14 18.14 1.46
N ILE A 270 7.71 16.87 1.46
CA ILE A 270 8.10 15.91 0.44
C ILE A 270 6.84 15.36 -0.26
N PRO A 271 6.86 15.16 -1.58
CA PRO A 271 5.76 14.60 -2.38
C PRO A 271 5.29 13.25 -1.77
N ALA A 272 3.97 13.05 -1.71
CA ALA A 272 3.43 11.83 -1.04
C ALA A 272 4.01 10.55 -1.60
N GLU A 273 4.27 10.54 -2.90
CA GLU A 273 4.76 9.25 -3.53
C GLU A 273 6.18 8.93 -3.08
N LYS A 274 6.98 9.98 -2.82
CA LYS A 274 8.30 9.80 -2.22
C LYS A 274 8.33 9.46 -0.75
N VAL A 275 7.41 9.95 0.02
CA VAL A 275 7.21 9.52 1.37
C VAL A 275 6.89 8.03 1.38
N VAL A 276 6.12 7.57 0.39
CA VAL A 276 5.81 6.07 0.36
C VAL A 276 7.14 5.31 0.29
N VAL A 277 8.02 5.76 -0.60
CA VAL A 277 9.31 5.10 -0.79
C VAL A 277 10.23 5.31 0.47
N ALA A 278 10.20 6.54 1.06
CA ALA A 278 11.04 6.87 2.29
C ALA A 278 10.58 5.87 3.40
N GLN A 279 9.28 5.55 3.44
CA GLN A 279 8.78 4.59 4.40
C GLN A 279 9.40 3.17 4.23
N LYS A 280 9.43 2.69 3.00
CA LYS A 280 10.06 1.40 2.70
C LYS A 280 11.51 1.36 3.09
N ILE A 281 12.20 2.43 2.80
CA ILE A 281 13.61 2.55 3.10
C ILE A 281 13.87 2.56 4.58
N LEU A 282 13.13 3.36 5.32
CA LEU A 282 13.41 3.51 6.69
C LEU A 282 12.99 2.24 7.46
N ILE A 283 11.88 1.63 7.08
CA ILE A 283 11.53 0.38 7.75
C ILE A 283 12.60 -0.71 7.50
N SER A 284 13.10 -0.83 6.26
CA SER A 284 14.04 -1.90 5.99
C SER A 284 15.38 -1.61 6.71
N LYS A 285 15.85 -0.36 6.72
CA LYS A 285 17.09 -0.10 7.50
C LYS A 285 16.97 -0.45 8.97
N CYS A 286 15.78 -0.24 9.53
CA CYS A 286 15.55 -0.56 10.94
C CYS A 286 15.47 -2.06 11.11
N ASN A 287 14.75 -2.73 10.23
CA ASN A 287 14.76 -4.22 10.27
C ASN A 287 16.21 -4.84 10.24
N VAL A 288 17.09 -4.33 9.37
CA VAL A 288 18.46 -4.73 9.36
C VAL A 288 19.21 -4.34 10.64
N ALA A 289 18.95 -3.16 11.20
CA ALA A 289 19.63 -2.79 12.47
C ALA A 289 19.07 -3.60 13.64
N GLY A 290 17.97 -4.32 13.47
CA GLY A 290 17.38 -4.97 14.61
C GLY A 290 16.74 -3.98 15.61
N LYS A 291 16.15 -2.88 15.13
CA LYS A 291 15.55 -1.89 16.04
C LYS A 291 14.11 -1.64 15.61
N PRO A 292 13.24 -1.43 16.58
CA PRO A 292 11.82 -1.25 16.32
C PRO A 292 11.54 -0.05 15.46
N VAL A 293 10.63 -0.22 14.52
CA VAL A 293 10.24 0.90 13.64
C VAL A 293 8.68 0.98 13.64
N ILE A 294 8.18 2.20 13.81
CA ILE A 294 6.77 2.51 13.90
C ILE A 294 6.28 3.29 12.73
N CYS A 295 5.20 2.82 12.15
CA CYS A 295 4.60 3.55 11.07
C CYS A 295 3.40 4.41 11.68
N ALA A 296 3.50 5.74 11.57
CA ALA A 296 2.66 6.66 12.33
C ALA A 296 2.02 7.73 11.40
N THR A 297 0.88 8.28 11.85
CA THR A 297 0.09 9.32 11.21
C THR A 297 -0.70 8.84 10.03
N GLN A 298 -1.91 9.36 9.94
CA GLN A 298 -2.81 9.14 8.83
C GLN A 298 -2.98 7.66 8.60
N MET A 299 -3.25 6.93 9.66
CA MET A 299 -3.34 5.49 9.56
C MET A 299 -4.79 5.03 9.22
N LEU A 300 -5.73 5.27 10.12
CA LEU A 300 -7.12 4.87 9.72
C LEU A 300 -7.94 6.16 9.99
N GLU A 301 -7.44 7.25 9.44
CA GLU A 301 -7.83 8.58 9.95
C GLU A 301 -9.32 8.86 9.82
N SER A 302 -9.89 8.43 8.70
CA SER A 302 -11.34 8.65 8.52
C SER A 302 -12.20 7.85 9.53
N MET A 303 -11.59 6.97 10.31
CA MET A 303 -12.37 6.21 11.28
C MET A 303 -12.43 6.96 12.61
N THR A 304 -11.87 8.16 12.61
CA THR A 304 -12.03 9.10 13.71
C THR A 304 -13.57 9.49 13.95
N TYR A 305 -14.31 9.71 12.85
CA TYR A 305 -15.76 10.03 12.90
C TYR A 305 -16.65 9.10 12.06
N ASN A 306 -16.05 8.25 11.21
CA ASN A 306 -16.85 7.26 10.47
C ASN A 306 -16.70 5.87 11.08
N PRO A 307 -17.76 5.02 10.99
CA PRO A 307 -17.69 3.68 11.63
C PRO A 307 -16.79 2.69 10.86
N ARG A 308 -16.49 3.02 9.59
CA ARG A 308 -15.54 2.22 8.79
C ARG A 308 -14.53 3.17 8.15
N PRO A 309 -13.34 2.62 7.82
CA PRO A 309 -12.32 3.39 7.13
C PRO A 309 -12.54 3.28 5.60
N THR A 310 -11.77 4.01 4.79
CA THR A 310 -11.84 3.79 3.37
C THR A 310 -10.96 2.58 2.96
N ARG A 311 -11.25 2.00 1.80
CA ARG A 311 -10.49 0.84 1.33
C ARG A 311 -8.95 1.22 1.23
N ALA A 312 -8.64 2.44 0.81
CA ALA A 312 -7.22 2.78 0.61
C ALA A 312 -6.56 2.82 1.98
N GLU A 313 -7.29 3.26 3.02
CA GLU A 313 -6.68 3.28 4.38
C GLU A 313 -6.31 1.88 4.87
N VAL A 314 -7.16 0.92 4.52
CA VAL A 314 -6.95 -0.42 4.99
C VAL A 314 -5.73 -0.95 4.22
N SER A 315 -5.63 -0.62 2.95
CA SER A 315 -4.49 -1.13 2.19
C SER A 315 -3.17 -0.51 2.69
N ASP A 316 -3.25 0.74 3.16
CA ASP A 316 -2.12 1.41 3.78
C ASP A 316 -1.58 0.69 5.08
N VAL A 317 -2.46 0.32 5.99
CA VAL A 317 -2.09 -0.41 7.19
C VAL A 317 -1.51 -1.79 6.76
N ALA A 318 -2.19 -2.53 5.86
CA ALA A 318 -1.62 -3.83 5.42
C ALA A 318 -0.19 -3.70 4.83
N ASN A 319 0.01 -2.67 3.97
CA ASN A 319 1.31 -2.47 3.37
C ASN A 319 2.40 -2.03 4.36
N ALA A 320 2.05 -1.33 5.46
CA ALA A 320 3.03 -1.07 6.48
C ALA A 320 3.56 -2.38 7.04
N VAL A 321 2.65 -3.33 7.19
CA VAL A 321 3.06 -4.61 7.75
C VAL A 321 3.90 -5.34 6.73
N PHE A 322 3.45 -5.43 5.43
CA PHE A 322 4.35 -6.01 4.40
C PHE A 322 5.73 -5.34 4.26
N ASN A 323 5.77 -4.03 4.44
CA ASN A 323 7.07 -3.28 4.35
C ASN A 323 8.00 -3.80 5.47
N GLY A 324 7.41 -4.34 6.57
CA GLY A 324 8.22 -4.73 7.76
C GLY A 324 7.99 -3.98 9.06
N ALA A 325 6.99 -3.09 9.17
CA ALA A 325 6.79 -2.31 10.43
C ALA A 325 6.65 -3.21 11.66
N ASP A 326 7.35 -2.88 12.75
CA ASP A 326 7.02 -3.53 14.04
C ASP A 326 5.62 -3.11 14.53
N CYS A 327 5.38 -1.79 14.45
CA CYS A 327 4.26 -1.12 15.12
C CYS A 327 3.52 -0.20 14.13
N VAL A 328 2.19 -0.11 14.35
CA VAL A 328 1.32 0.83 13.64
C VAL A 328 0.77 1.73 14.79
N MET A 329 0.65 3.04 14.52
CA MET A 329 0.22 3.95 15.60
C MET A 329 -1.13 4.66 15.22
N LEU A 330 -1.97 4.89 16.23
CA LEU A 330 -3.22 5.64 16.06
C LEU A 330 -3.03 6.94 16.84
N SER A 331 -3.51 8.02 16.26
CA SER A 331 -3.40 9.37 16.80
C SER A 331 -4.84 9.79 17.18
N GLY A 332 -5.45 10.67 16.41
CA GLY A 332 -6.80 11.19 16.83
C GLY A 332 -7.85 10.09 16.80
N GLU A 333 -7.60 9.00 16.07
CA GLU A 333 -8.58 7.92 15.97
C GLU A 333 -8.92 7.38 17.39
N THR A 334 -7.93 7.41 18.29
CA THR A 334 -8.17 6.96 19.65
C THR A 334 -8.17 8.14 20.64
N ALA A 335 -7.44 9.25 20.35
CA ALA A 335 -7.34 10.33 21.29
C ALA A 335 -8.70 11.03 21.38
N LYS A 336 -9.31 11.34 20.24
CA LYS A 336 -10.53 12.17 20.30
C LYS A 336 -11.60 11.57 19.42
N GLY A 337 -11.42 10.33 18.97
CA GLY A 337 -12.39 9.78 18.03
C GLY A 337 -13.66 9.25 18.68
N LYS A 338 -14.60 8.87 17.83
CA LYS A 338 -15.89 8.34 18.26
C LYS A 338 -15.97 6.81 18.22
N TYR A 339 -14.97 6.11 17.64
CA TYR A 339 -14.94 4.64 17.69
C TYR A 339 -13.51 4.12 18.13
N PRO A 340 -13.00 4.54 19.31
CA PRO A 340 -11.72 4.05 19.77
C PRO A 340 -11.53 2.51 19.82
N ASN A 341 -12.52 1.74 20.33
CA ASN A 341 -12.35 0.30 20.40
C ASN A 341 -12.43 -0.33 19.03
N GLU A 342 -13.35 0.14 18.20
CA GLU A 342 -13.54 -0.45 16.91
C GLU A 342 -12.32 -0.23 16.00
N VAL A 343 -11.71 0.96 16.06
CA VAL A 343 -10.54 1.25 15.23
C VAL A 343 -9.33 0.36 15.66
N VAL A 344 -9.10 0.20 16.97
CA VAL A 344 -8.02 -0.71 17.44
C VAL A 344 -8.31 -2.15 16.95
N GLN A 345 -9.57 -2.59 17.03
CA GLN A 345 -9.88 -3.97 16.74
C GLN A 345 -9.72 -4.18 15.22
N TYR A 346 -10.13 -3.20 14.43
CA TYR A 346 -10.02 -3.37 12.99
C TYR A 346 -8.52 -3.29 12.57
N MET A 347 -7.77 -2.41 13.18
CA MET A 347 -6.35 -2.36 12.95
C MET A 347 -5.68 -3.69 13.29
N ALA A 348 -6.03 -4.33 14.42
CA ALA A 348 -5.50 -5.67 14.76
C ALA A 348 -5.89 -6.68 13.71
N ARG A 349 -7.16 -6.58 13.26
CA ARG A 349 -7.65 -7.47 12.22
C ARG A 349 -6.85 -7.34 10.91
N ILE A 350 -6.61 -6.11 10.50
CA ILE A 350 -5.90 -5.93 9.22
C ILE A 350 -4.47 -6.46 9.35
N CYS A 351 -3.84 -6.15 10.48
CA CYS A 351 -2.45 -6.61 10.73
C CYS A 351 -2.36 -8.16 10.66
N LEU A 352 -3.33 -8.80 11.28
CA LEU A 352 -3.38 -10.27 11.32
C LEU A 352 -3.58 -10.82 9.91
N GLU A 353 -4.51 -10.21 9.17
CA GLU A 353 -4.70 -10.69 7.81
C GLU A 353 -3.37 -10.48 6.93
N ALA A 354 -2.72 -9.32 7.05
CA ALA A 354 -1.48 -9.06 6.31
C ALA A 354 -0.43 -10.08 6.70
N GLN A 355 -0.34 -10.37 7.97
CA GLN A 355 0.70 -11.27 8.44
C GLN A 355 0.53 -12.68 7.86
N SER A 356 -0.75 -13.07 7.64
CA SER A 356 -1.03 -14.39 7.21
C SER A 356 -0.58 -14.57 5.79
N ALA A 357 -0.44 -13.50 5.04
CA ALA A 357 0.08 -13.53 3.71
C ALA A 357 1.58 -13.23 3.62
N LEU A 358 2.20 -12.72 4.67
CA LEU A 358 3.60 -12.26 4.62
C LEU A 358 4.48 -13.51 4.65
N ASN A 359 5.46 -13.64 3.74
CA ASN A 359 6.41 -14.77 3.85
C ASN A 359 7.55 -14.32 4.79
N GLU A 360 7.59 -14.77 6.04
CA GLU A 360 8.64 -14.32 7.00
C GLU A 360 10.06 -14.78 6.64
N TYR A 361 10.14 -15.88 5.93
CA TYR A 361 11.39 -16.51 5.55
C TYR A 361 12.22 -15.62 4.59
N VAL A 362 11.57 -14.76 3.82
CA VAL A 362 12.25 -13.77 3.01
C VAL A 362 12.99 -12.78 3.84
N PHE A 363 12.36 -12.30 4.94
CA PHE A 363 13.03 -11.42 5.89
C PHE A 363 14.19 -12.12 6.48
N PHE A 364 13.93 -13.34 6.98
CA PHE A 364 15.03 -14.05 7.70
C PHE A 364 16.20 -14.21 6.74
N ASN A 365 15.91 -14.63 5.53
CA ASN A 365 17.01 -15.00 4.64
C ASN A 365 17.67 -13.72 4.13
N SER A 366 16.89 -12.67 3.85
CA SER A 366 17.56 -11.34 3.43
C SER A 366 18.45 -10.79 4.49
N ILE A 367 18.02 -10.90 5.76
CA ILE A 367 18.80 -10.30 6.83
C ILE A 367 20.06 -11.16 7.07
N LYS A 368 19.88 -12.47 7.10
CA LYS A 368 21.01 -13.36 7.28
C LYS A 368 22.03 -13.20 6.17
N LYS A 369 21.60 -13.07 4.92
CA LYS A 369 22.57 -12.87 3.79
C LYS A 369 23.38 -11.58 3.94
N LEU A 370 22.89 -10.64 4.72
CA LEU A 370 23.65 -9.42 4.87
C LEU A 370 24.72 -9.59 5.95
N GLN A 371 24.76 -10.70 6.70
CA GLN A 371 25.67 -10.72 7.84
C GLN A 371 27.15 -10.93 7.36
N HIS A 372 28.15 -10.25 7.94
CA HIS A 372 29.54 -10.55 7.55
C HIS A 372 30.06 -11.78 8.33
N ILE A 373 30.86 -12.63 7.69
CA ILE A 373 31.56 -13.76 8.31
C ILE A 373 33.04 -13.29 8.61
N PRO A 374 33.55 -13.51 9.83
CA PRO A 374 32.90 -14.23 10.87
C PRO A 374 31.82 -13.38 11.58
N MET A 375 30.68 -14.01 11.96
CA MET A 375 29.70 -13.35 12.81
C MET A 375 30.17 -13.37 14.23
N SER A 376 29.70 -12.41 15.03
CA SER A 376 29.94 -12.58 16.47
C SER A 376 29.01 -13.67 16.98
N ALA A 377 29.38 -14.21 18.13
CA ALA A 377 28.62 -15.25 18.76
C ALA A 377 27.10 -14.95 18.90
N ASP A 378 26.74 -13.76 19.37
CA ASP A 378 25.31 -13.45 19.61
C ASP A 378 24.48 -13.50 18.33
N GLU A 379 25.01 -12.93 17.25
CA GLU A 379 24.35 -12.88 15.96
C GLU A 379 24.31 -14.35 15.41
N ALA A 380 25.39 -15.10 15.57
CA ALA A 380 25.34 -16.52 15.14
C ALA A 380 24.31 -17.39 15.88
N VAL A 381 24.24 -17.22 17.21
CA VAL A 381 23.26 -17.95 18.00
C VAL A 381 21.81 -17.57 17.67
N CYS A 382 21.50 -16.27 17.63
CA CYS A 382 20.10 -15.91 17.33
C CYS A 382 19.65 -16.31 15.94
N SER A 383 20.52 -16.08 14.97
CA SER A 383 20.19 -16.48 13.56
C SER A 383 20.10 -17.98 13.43
N SER A 384 20.99 -18.71 14.07
CA SER A 384 20.84 -20.13 13.94
C SER A 384 19.62 -20.75 14.72
N ALA A 385 19.21 -20.13 15.83
CA ALA A 385 17.99 -20.54 16.51
C ALA A 385 16.79 -20.31 15.61
N VAL A 386 16.67 -19.14 14.97
CA VAL A 386 15.55 -18.98 14.00
C VAL A 386 15.64 -19.93 12.82
N ASN A 387 16.85 -20.13 12.30
CA ASN A 387 16.95 -21.10 11.21
C ASN A 387 16.41 -22.50 11.64
N SER A 388 16.70 -22.88 12.89
CA SER A 388 16.23 -24.19 13.47
C SER A 388 14.70 -24.24 13.55
N VAL A 389 14.09 -23.09 13.81
CA VAL A 389 12.62 -23.06 13.76
C VAL A 389 12.10 -23.50 12.37
N TYR A 390 12.67 -22.88 11.34
CA TYR A 390 12.25 -23.22 9.97
C TYR A 390 12.62 -24.67 9.59
N GLU A 391 13.81 -25.14 10.05
CA GLU A 391 14.25 -26.51 9.69
C GLU A 391 13.42 -27.62 10.38
N THR A 392 12.93 -27.38 11.59
CA THR A 392 12.20 -28.39 12.33
C THR A 392 10.70 -28.09 12.32
N LYS A 393 10.29 -26.93 11.76
CA LYS A 393 8.93 -26.40 11.84
C LYS A 393 8.51 -26.32 13.32
N ALA A 394 9.36 -25.73 14.16
CA ALA A 394 9.04 -25.58 15.57
C ALA A 394 7.84 -24.58 15.65
N LYS A 395 7.10 -24.68 16.72
CA LYS A 395 5.91 -23.84 16.88
C LYS A 395 6.01 -22.71 17.87
N ALA A 396 7.14 -22.59 18.59
CA ALA A 396 7.35 -21.41 19.40
C ALA A 396 8.85 -21.31 19.65
N MET A 397 9.30 -20.14 20.01
CA MET A 397 10.61 -19.97 20.65
C MET A 397 10.47 -19.46 22.04
N VAL A 398 11.40 -19.79 22.90
CA VAL A 398 11.57 -19.18 24.19
C VAL A 398 12.96 -18.51 24.32
N VAL A 399 12.97 -17.21 24.65
CA VAL A 399 14.25 -16.50 24.78
C VAL A 399 14.29 -15.99 26.19
N LEU A 400 15.37 -16.30 26.89
CA LEU A 400 15.59 -15.74 28.22
C LEU A 400 16.40 -14.50 28.00
N SER A 401 15.82 -13.36 28.31
CA SER A 401 16.51 -12.10 28.09
C SER A 401 16.21 -11.13 29.22
N ASN A 402 17.20 -10.72 30.03
CA ASN A 402 16.85 -9.75 31.07
C ASN A 402 16.60 -8.31 30.60
N THR A 403 17.42 -7.83 29.67
CA THR A 403 17.31 -6.44 29.18
C THR A 403 16.45 -6.33 27.93
N GLY A 404 16.13 -7.48 27.30
CA GLY A 404 15.34 -7.41 26.05
C GLY A 404 16.26 -7.47 24.80
N ARG A 405 17.56 -7.40 25.00
CA ARG A 405 18.48 -7.25 23.85
C ARG A 405 18.48 -8.51 22.97
N SER A 406 18.61 -9.65 23.62
CA SER A 406 18.55 -10.87 22.83
C SER A 406 17.16 -11.20 22.32
N ALA A 407 16.11 -10.76 23.02
CA ALA A 407 14.75 -10.99 22.45
C ALA A 407 14.65 -10.12 21.13
N ARG A 408 15.16 -8.90 21.14
CA ARG A 408 15.05 -8.09 19.92
C ARG A 408 15.93 -8.70 18.80
N LEU A 409 17.02 -9.27 19.18
CA LEU A 409 17.94 -9.82 18.17
C LEU A 409 17.32 -11.08 17.53
N VAL A 410 16.68 -11.92 18.31
CA VAL A 410 15.92 -13.02 17.74
C VAL A 410 14.76 -12.49 16.88
N ALA A 411 13.96 -11.47 17.37
CA ALA A 411 12.83 -11.01 16.57
C ALA A 411 13.32 -10.41 15.25
N LYS A 412 14.53 -9.86 15.22
CA LYS A 412 15.04 -9.28 14.00
C LYS A 412 15.04 -10.31 12.87
N TYR A 413 15.34 -11.58 13.19
CA TYR A 413 15.50 -12.62 12.18
C TYR A 413 14.18 -13.24 11.83
N ARG A 414 13.08 -12.81 12.43
CA ARG A 414 11.68 -13.10 11.91
C ARG A 414 11.34 -14.64 11.76
N PRO A 415 11.34 -15.35 12.89
CA PRO A 415 10.82 -16.73 12.82
C PRO A 415 9.36 -16.71 12.40
N ASN A 416 8.82 -17.82 11.88
CA ASN A 416 7.36 -17.81 11.53
C ASN A 416 6.53 -18.43 12.71
N CYS A 417 6.89 -18.16 13.98
CA CYS A 417 6.17 -18.72 15.12
C CYS A 417 6.26 -17.64 16.22
N PRO A 418 5.40 -17.67 17.28
CA PRO A 418 5.62 -16.68 18.34
C PRO A 418 6.94 -16.74 19.08
N ILE A 419 7.40 -15.63 19.63
CA ILE A 419 8.61 -15.68 20.51
C ILE A 419 8.12 -15.28 21.90
N VAL A 420 8.48 -16.09 22.90
CA VAL A 420 8.15 -15.76 24.29
C VAL A 420 9.38 -15.38 24.98
N CYS A 421 9.43 -14.19 25.52
CA CYS A 421 10.66 -13.71 26.16
C CYS A 421 10.42 -13.85 27.66
N VAL A 422 11.30 -14.58 28.38
CA VAL A 422 11.12 -14.73 29.84
C VAL A 422 12.15 -13.79 30.41
N THR A 423 11.74 -12.78 31.19
CA THR A 423 12.68 -11.82 31.66
C THR A 423 12.49 -11.56 33.18
N THR A 424 13.56 -11.12 33.87
CA THR A 424 13.46 -10.84 35.26
C THR A 424 13.11 -9.37 35.51
N ARG A 425 12.80 -8.58 34.46
CA ARG A 425 12.52 -7.14 34.65
C ARG A 425 11.20 -6.75 34.08
N LEU A 426 10.36 -6.13 34.90
CA LEU A 426 9.04 -5.67 34.30
C LEU A 426 9.29 -4.59 33.28
N GLN A 427 10.34 -3.79 33.43
CA GLN A 427 10.51 -2.73 32.40
C GLN A 427 10.85 -3.34 30.98
N THR A 428 11.47 -4.49 30.96
CA THR A 428 11.73 -5.23 29.70
C THR A 428 10.41 -5.73 29.13
N CYS A 429 9.52 -6.29 29.96
CA CYS A 429 8.18 -6.66 29.46
C CYS A 429 7.53 -5.45 28.78
N ARG A 430 7.64 -4.28 29.39
CA ARG A 430 6.94 -3.17 28.75
C ARG A 430 7.70 -2.71 27.49
N GLN A 431 9.03 -2.58 27.56
CA GLN A 431 9.71 -2.13 26.39
C GLN A 431 9.61 -3.07 25.17
N LEU A 432 9.50 -4.37 25.42
CA LEU A 432 9.28 -5.30 24.29
C LEU A 432 7.93 -5.12 23.59
N ASN A 433 7.01 -4.35 24.13
CA ASN A 433 5.75 -4.10 23.40
C ASN A 433 5.91 -3.33 22.10
N ILE A 434 7.05 -2.77 21.77
CA ILE A 434 7.21 -2.22 20.46
C ILE A 434 8.04 -3.11 19.52
N THR A 435 8.32 -4.33 19.95
CA THR A 435 9.00 -5.28 19.08
C THR A 435 8.01 -6.29 18.56
N GLN A 436 7.94 -6.46 17.22
CA GLN A 436 6.93 -7.37 16.71
C GLN A 436 7.22 -8.85 17.08
N GLY A 437 6.15 -9.63 17.18
CA GLY A 437 6.23 -11.06 17.32
C GLY A 437 6.70 -11.62 18.67
N VAL A 438 6.79 -10.76 19.68
CA VAL A 438 7.34 -11.16 20.98
C VAL A 438 6.27 -10.98 22.02
N GLU A 439 6.08 -11.95 22.95
CA GLU A 439 5.28 -11.71 24.13
C GLU A 439 6.17 -11.96 25.36
N SER A 440 6.04 -11.18 26.44
CA SER A 440 6.92 -11.33 27.53
C SER A 440 6.24 -11.99 28.75
N VAL A 441 7.05 -12.73 29.52
CA VAL A 441 6.57 -13.38 30.75
C VAL A 441 7.53 -12.88 31.82
N PHE A 442 7.03 -12.31 32.92
CA PHE A 442 7.90 -11.78 33.98
C PHE A 442 8.28 -12.92 34.91
N PHE A 443 9.54 -13.09 35.24
CA PHE A 443 9.95 -14.15 36.19
C PHE A 443 10.48 -13.43 37.39
N ASP A 444 9.77 -13.58 38.51
CA ASP A 444 10.11 -12.82 39.71
C ASP A 444 11.31 -13.50 40.45
N ALA A 445 12.53 -13.29 40.00
CA ALA A 445 13.68 -13.98 40.60
C ALA A 445 13.93 -13.72 42.14
N ASP A 446 13.54 -12.58 42.68
CA ASP A 446 13.63 -12.29 44.10
C ASP A 446 12.90 -13.44 44.91
N LYS A 447 11.63 -13.68 44.58
CA LYS A 447 10.79 -14.68 45.27
C LYS A 447 11.03 -16.06 44.81
N LEU A 448 11.29 -16.22 43.49
CA LEU A 448 11.36 -17.55 42.91
C LEU A 448 12.77 -18.10 42.87
N GLY A 449 13.76 -17.31 43.23
CA GLY A 449 15.17 -17.80 43.13
C GLY A 449 15.88 -17.33 41.83
N HIS A 450 17.20 -17.12 41.89
CA HIS A 450 17.93 -16.65 40.74
C HIS A 450 17.99 -17.67 39.60
N ASP A 451 17.61 -18.92 39.85
CA ASP A 451 17.46 -19.88 38.77
C ASP A 451 18.74 -19.93 37.89
N GLU A 452 19.89 -20.12 38.52
CA GLU A 452 21.19 -20.18 37.84
C GLU A 452 21.24 -21.18 36.66
N GLY A 453 20.61 -22.32 36.78
CA GLY A 453 20.66 -23.25 35.66
C GLY A 453 19.57 -23.07 34.62
N LYS A 454 18.71 -22.06 34.84
CA LYS A 454 17.73 -21.62 33.82
C LYS A 454 16.52 -22.46 33.63
N GLU A 455 16.46 -23.61 34.31
CA GLU A 455 15.33 -24.53 34.10
C GLU A 455 13.96 -23.93 34.43
N HIS A 456 13.88 -23.15 35.50
CA HIS A 456 12.60 -22.62 35.90
C HIS A 456 12.08 -21.56 34.87
N ARG A 457 13.01 -20.74 34.43
CA ARG A 457 12.62 -19.68 33.43
C ARG A 457 12.26 -20.34 32.10
N VAL A 458 12.98 -21.39 31.69
CA VAL A 458 12.59 -22.15 30.51
C VAL A 458 11.22 -22.77 30.66
N ALA A 459 10.95 -23.43 31.81
CA ALA A 459 9.64 -24.04 31.96
C ALA A 459 8.55 -22.99 32.00
N ALA A 460 8.75 -21.85 32.68
CA ALA A 460 7.72 -20.81 32.63
C ALA A 460 7.46 -20.35 31.18
N GLY A 461 8.52 -20.32 30.36
CA GLY A 461 8.27 -19.87 28.99
C GLY A 461 7.44 -20.87 28.22
N VAL A 462 7.81 -22.13 28.34
CA VAL A 462 7.05 -23.26 27.69
C VAL A 462 5.63 -23.34 28.22
N GLU A 463 5.43 -23.22 29.56
CA GLU A 463 4.01 -23.17 30.06
C GLU A 463 3.21 -22.05 29.43
N PHE A 464 3.79 -20.85 29.37
CA PHE A 464 3.07 -19.73 28.71
C PHE A 464 2.66 -20.12 27.28
N ALA A 465 3.59 -20.65 26.47
CA ALA A 465 3.30 -21.06 25.10
C ALA A 465 2.19 -22.11 25.07
N LYS A 466 2.25 -23.09 25.97
CA LYS A 466 1.18 -24.09 26.04
C LYS A 466 -0.18 -23.44 26.34
N SER A 467 -0.24 -22.61 27.38
CA SER A 467 -1.51 -22.02 27.76
C SER A 467 -2.04 -21.15 26.64
N LYS A 468 -1.19 -20.62 25.71
CA LYS A 468 -1.75 -19.85 24.60
C LYS A 468 -2.11 -20.73 23.41
N GLY A 469 -1.91 -22.03 23.49
CA GLY A 469 -2.15 -22.93 22.37
C GLY A 469 -1.06 -22.94 21.32
N TYR A 470 0.11 -22.30 21.59
CA TYR A 470 1.12 -22.23 20.50
C TYR A 470 1.74 -23.59 20.32
N VAL A 471 1.99 -24.26 21.43
CA VAL A 471 2.53 -25.58 21.37
C VAL A 471 1.67 -26.56 22.15
N GLN A 472 1.75 -27.82 21.76
CA GLN A 472 1.17 -28.94 22.53
C GLN A 472 2.16 -30.11 22.58
N THR A 473 1.91 -31.12 23.42
CA THR A 473 2.78 -32.33 23.52
C THR A 473 3.25 -32.79 22.13
N GLY A 474 4.54 -33.07 21.96
CA GLY A 474 5.01 -33.46 20.62
C GLY A 474 5.48 -32.40 19.65
N ASP A 475 5.21 -31.12 19.91
CA ASP A 475 5.74 -30.09 19.04
C ASP A 475 7.18 -29.76 19.44
N TYR A 476 7.85 -29.08 18.57
CA TYR A 476 9.15 -28.51 18.93
C TYR A 476 9.11 -27.05 19.40
N CYS A 477 9.96 -26.73 20.37
CA CYS A 477 10.11 -25.36 20.82
C CYS A 477 11.64 -25.03 20.84
N VAL A 478 12.06 -23.91 20.31
CA VAL A 478 13.50 -23.64 20.21
C VAL A 478 13.78 -22.65 21.36
N VAL A 479 14.61 -23.07 22.27
CA VAL A 479 14.97 -22.20 23.39
C VAL A 479 16.35 -21.53 23.17
N ILE A 480 16.50 -20.30 23.60
CA ILE A 480 17.75 -19.63 23.46
C ILE A 480 18.01 -18.73 24.70
N HIS A 481 19.25 -18.74 25.17
CA HIS A 481 19.77 -17.64 26.03
C HIS A 481 21.11 -17.07 25.40
N ALA A 482 21.32 -15.73 25.35
CA ALA A 482 22.59 -15.07 24.83
C ALA A 482 23.06 -13.86 25.62
N ASP A 483 23.49 -14.04 26.89
CA ASP A 483 23.59 -12.90 27.87
C ASP A 483 24.78 -11.96 27.61
N HIS A 484 24.49 -10.66 27.51
CA HIS A 484 25.51 -9.68 27.11
C HIS A 484 26.34 -9.17 28.31
N ALA A 490 27.62 -15.30 27.50
CA ALA A 490 27.33 -16.73 27.66
C ALA A 490 26.08 -16.96 26.83
N ASN A 491 25.95 -18.19 26.31
CA ASN A 491 24.81 -18.48 25.47
C ASN A 491 24.51 -19.98 25.47
N GLN A 492 23.45 -20.38 24.77
CA GLN A 492 22.99 -21.76 24.81
C GLN A 492 21.74 -21.75 23.87
N THR A 493 21.57 -22.76 23.00
CA THR A 493 20.35 -23.05 22.27
C THR A 493 19.95 -24.45 22.55
N ARG A 494 18.65 -24.71 22.56
CA ARG A 494 18.09 -26.08 22.73
C ARG A 494 16.88 -26.27 21.81
N ILE A 495 16.71 -27.44 21.25
CA ILE A 495 15.51 -27.75 20.54
C ILE A 495 14.72 -28.70 21.44
N LEU A 496 13.67 -28.21 22.05
CA LEU A 496 12.97 -28.93 23.08
C LEU A 496 11.76 -29.65 22.47
N LEU A 497 11.60 -30.94 22.76
CA LEU A 497 10.37 -31.67 22.46
C LEU A 497 9.39 -31.32 23.56
N VAL A 498 8.28 -30.67 23.22
CA VAL A 498 7.34 -30.27 24.28
C VAL A 498 6.61 -31.52 24.88
N GLU A 499 6.55 -31.61 26.23
CA GLU A 499 5.85 -32.67 26.95
C GLU A 499 4.39 -32.31 27.28
N SER B 2 14.04 -9.78 -1.99
CA SER B 2 15.51 -9.12 -1.91
C SER B 2 15.32 -7.64 -2.25
N GLN B 3 14.07 -7.38 -2.18
CA GLN B 3 13.57 -6.05 -2.18
C GLN B 3 14.17 -5.34 -0.92
N LEU B 4 14.23 -6.09 0.20
CA LEU B 4 14.76 -5.56 1.47
C LEU B 4 16.19 -5.03 1.26
N ALA B 5 17.10 -5.85 0.66
CA ALA B 5 18.49 -5.37 0.44
C ALA B 5 18.47 -4.17 -0.48
N HIS B 6 17.55 -4.16 -1.45
CA HIS B 6 17.52 -3.07 -2.40
C HIS B 6 17.03 -1.77 -1.77
N ASN B 7 16.10 -1.86 -0.83
CA ASN B 7 15.63 -0.66 -0.07
C ASN B 7 16.76 0.05 0.68
N LEU B 8 17.70 -0.70 1.21
CA LEU B 8 18.77 -0.11 1.99
C LEU B 8 19.61 0.87 1.17
N THR B 9 19.73 0.62 -0.14
CA THR B 9 20.68 1.43 -0.93
C THR B 9 19.97 2.58 -1.64
N LEU B 10 18.65 2.70 -1.49
CA LEU B 10 17.90 3.76 -2.22
C LEU B 10 18.04 5.15 -1.57
N SER B 11 17.94 6.21 -2.34
CA SER B 11 17.75 7.57 -1.80
C SER B 11 16.57 8.24 -2.51
N ILE B 12 15.63 8.83 -1.78
CA ILE B 12 14.54 9.46 -2.51
C ILE B 12 15.00 10.74 -3.16
N PHE B 13 16.25 11.17 -2.92
CA PHE B 13 16.79 12.38 -3.57
C PHE B 13 17.49 12.11 -4.91
N ASP B 14 17.66 10.84 -5.27
CA ASP B 14 18.21 10.48 -6.60
C ASP B 14 17.18 10.74 -7.71
N PRO B 15 17.65 10.96 -8.97
CA PRO B 15 16.75 11.07 -10.14
C PRO B 15 15.91 9.80 -10.33
N VAL B 16 14.69 9.93 -10.81
CA VAL B 16 13.88 8.77 -11.15
C VAL B 16 14.37 8.15 -12.48
N ALA B 17 13.85 6.96 -12.81
CA ALA B 17 14.25 6.27 -14.06
C ALA B 17 13.95 7.17 -15.28
N ASN B 18 14.65 6.88 -16.38
CA ASN B 18 14.39 7.56 -17.65
C ASN B 18 13.19 7.01 -18.44
N TYR B 19 12.41 6.01 -17.89
CA TYR B 19 11.21 5.51 -18.57
C TYR B 19 10.18 5.08 -17.48
N ARG B 20 8.93 5.02 -17.87
CA ARG B 20 7.92 4.57 -16.87
C ARG B 20 7.45 3.24 -17.47
N ALA B 21 7.46 2.16 -16.69
CA ALA B 21 7.13 0.86 -17.20
C ALA B 21 5.59 0.61 -17.14
N ALA B 22 4.92 0.98 -16.03
CA ALA B 22 3.49 0.73 -15.78
C ALA B 22 2.63 1.51 -16.79
N ARG B 23 1.43 0.97 -17.10
CA ARG B 23 0.59 1.53 -18.16
C ARG B 23 -0.73 2.06 -17.60
N ILE B 24 -1.26 3.12 -18.16
CA ILE B 24 -2.42 3.75 -17.50
C ILE B 24 -3.64 3.61 -18.46
N ILE B 25 -4.71 3.04 -17.95
CA ILE B 25 -5.96 2.94 -18.72
C ILE B 25 -6.92 4.01 -18.20
N CYS B 26 -7.57 4.74 -19.11
CA CYS B 26 -8.53 5.82 -18.72
C CYS B 26 -9.91 5.54 -19.32
N THR B 27 -10.93 5.72 -18.48
CA THR B 27 -12.33 5.53 -18.90
C THR B 27 -12.77 6.87 -19.49
N ILE B 28 -13.37 6.79 -20.67
CA ILE B 28 -13.82 7.96 -21.38
C ILE B 28 -15.28 8.20 -21.04
N GLY B 29 -15.63 9.47 -20.82
CA GLY B 29 -17.05 9.87 -20.64
C GLY B 29 -17.22 11.33 -21.00
N PRO B 30 -18.25 12.02 -20.39
CA PRO B 30 -18.49 13.46 -20.60
C PRO B 30 -17.25 14.39 -20.45
N SER B 31 -16.41 14.18 -19.44
CA SER B 31 -15.23 15.04 -19.29
C SER B 31 -14.21 14.87 -20.43
N THR B 32 -14.24 13.73 -21.15
CA THR B 32 -13.09 13.37 -21.95
C THR B 32 -13.31 12.86 -23.36
N GLN B 33 -14.53 12.88 -23.88
CA GLN B 33 -14.80 12.22 -25.20
C GLN B 33 -14.37 13.10 -26.39
N SER B 34 -14.24 14.39 -26.21
CA SER B 34 -13.88 15.21 -27.39
C SER B 34 -12.48 14.91 -27.91
N VAL B 35 -12.24 15.27 -29.15
CA VAL B 35 -10.93 15.05 -29.66
C VAL B 35 -9.83 15.77 -28.88
N GLU B 36 -10.04 17.05 -28.51
CA GLU B 36 -9.05 17.79 -27.77
C GLU B 36 -8.85 17.23 -26.38
N ALA B 37 -9.91 16.75 -25.72
CA ALA B 37 -9.72 16.21 -24.37
C ALA B 37 -8.96 14.86 -24.45
N LEU B 38 -9.19 14.07 -25.49
CA LEU B 38 -8.49 12.79 -25.66
C LEU B 38 -7.01 13.08 -25.93
N LYS B 39 -6.70 14.13 -26.69
CA LYS B 39 -5.28 14.50 -26.85
C LYS B 39 -4.69 14.87 -25.53
N GLY B 40 -5.39 15.63 -24.72
CA GLY B 40 -4.91 15.96 -23.35
C GLY B 40 -4.58 14.65 -22.55
N LEU B 41 -5.47 13.67 -22.57
CA LEU B 41 -5.22 12.43 -21.83
C LEU B 41 -4.00 11.73 -22.33
N ILE B 42 -3.93 11.61 -23.66
CA ILE B 42 -2.75 10.96 -24.26
C ILE B 42 -1.47 11.66 -23.83
N GLN B 43 -1.43 12.99 -23.94
CA GLN B 43 -0.19 13.70 -23.56
C GLN B 43 0.05 13.55 -22.07
N SER B 44 -1.02 13.35 -21.29
CA SER B 44 -0.87 13.24 -19.85
C SER B 44 -0.34 11.87 -19.43
N GLY B 45 -0.46 10.87 -20.30
CA GLY B 45 0.03 9.51 -20.02
C GLY B 45 -0.93 8.32 -20.26
N MET B 46 -2.09 8.56 -20.92
CA MET B 46 -3.03 7.45 -21.22
C MET B 46 -2.45 6.52 -22.31
N SER B 47 -2.43 5.21 -22.06
CA SER B 47 -2.08 4.28 -23.14
C SER B 47 -3.29 3.53 -23.69
N VAL B 48 -4.36 3.49 -22.89
CA VAL B 48 -5.56 2.70 -23.23
C VAL B 48 -6.81 3.51 -22.97
N ALA B 49 -7.74 3.56 -23.96
CA ALA B 49 -9.08 4.22 -23.80
C ALA B 49 -10.10 3.13 -23.44
N ARG B 50 -10.72 3.23 -22.28
CA ARG B 50 -11.67 2.21 -21.91
C ARG B 50 -13.11 2.73 -22.17
N MET B 51 -13.95 1.94 -22.84
CA MET B 51 -15.41 2.32 -23.05
C MET B 51 -16.24 1.48 -22.12
N ASN B 52 -16.95 2.14 -21.23
CA ASN B 52 -17.73 1.38 -20.27
C ASN B 52 -19.14 1.12 -20.92
N PHE B 53 -19.39 -0.09 -21.41
CA PHE B 53 -20.73 -0.40 -22.05
C PHE B 53 -21.85 -0.63 -21.00
N SER B 54 -21.60 -0.43 -19.70
CA SER B 54 -22.71 -0.32 -18.74
C SER B 54 -23.72 0.82 -19.10
N HIS B 55 -23.22 1.84 -19.83
CA HIS B 55 -23.96 3.05 -20.19
C HIS B 55 -23.62 3.47 -21.63
N GLY B 56 -24.50 4.25 -22.25
CA GLY B 56 -24.24 4.77 -23.57
C GLY B 56 -24.70 3.86 -24.70
N SER B 57 -25.15 4.45 -25.79
CA SER B 57 -25.57 3.68 -26.93
C SER B 57 -24.36 3.37 -27.82
N HIS B 58 -24.56 2.55 -28.83
CA HIS B 58 -23.52 2.27 -29.80
C HIS B 58 -23.06 3.52 -30.53
N GLU B 59 -24.01 4.43 -30.82
CA GLU B 59 -23.61 5.72 -31.43
C GLU B 59 -22.65 6.50 -30.49
N TYR B 60 -22.99 6.51 -29.22
CA TYR B 60 -22.13 7.19 -28.26
C TYR B 60 -20.68 6.58 -28.30
N HIS B 61 -20.59 5.28 -28.13
CA HIS B 61 -19.31 4.61 -28.15
C HIS B 61 -18.57 4.72 -29.48
N GLN B 62 -19.32 4.82 -30.57
CA GLN B 62 -18.75 5.03 -31.88
C GLN B 62 -18.03 6.34 -31.95
N THR B 63 -18.60 7.33 -31.32
CA THR B 63 -17.97 8.65 -31.29
C THR B 63 -16.65 8.55 -30.45
N THR B 64 -16.67 7.83 -29.33
CA THR B 64 -15.41 7.56 -28.57
C THR B 64 -14.35 6.91 -29.46
N ILE B 65 -14.73 5.91 -30.24
CA ILE B 65 -13.78 5.15 -31.07
C ILE B 65 -13.19 6.03 -32.12
N ASN B 66 -14.07 6.69 -32.86
CA ASN B 66 -13.63 7.67 -33.84
C ASN B 66 -12.70 8.75 -33.26
N ASN B 67 -13.09 9.32 -32.13
CA ASN B 67 -12.35 10.44 -31.62
C ASN B 67 -10.98 10.01 -31.08
N VAL B 68 -10.95 8.82 -30.50
CA VAL B 68 -9.67 8.26 -30.03
C VAL B 68 -8.74 8.10 -31.19
N ARG B 69 -9.25 7.52 -32.28
CA ARG B 69 -8.41 7.29 -33.47
C ARG B 69 -7.90 8.64 -34.00
N GLN B 70 -8.77 9.66 -34.07
CA GLN B 70 -8.31 10.93 -34.60
C GLN B 70 -7.28 11.59 -33.66
N ALA B 71 -7.57 11.60 -32.36
CA ALA B 71 -6.59 12.15 -31.40
C ALA B 71 -5.17 11.47 -31.49
N ALA B 72 -5.17 10.16 -31.60
CA ALA B 72 -3.89 9.36 -31.61
C ALA B 72 -3.20 9.65 -32.92
N ALA B 73 -3.98 9.70 -34.03
CA ALA B 73 -3.38 9.97 -35.34
C ALA B 73 -2.73 11.32 -35.35
N GLU B 74 -3.36 12.36 -34.80
CA GLU B 74 -2.78 13.68 -34.86
C GLU B 74 -1.49 13.78 -33.99
N LEU B 75 -1.41 12.98 -32.95
CA LEU B 75 -0.20 12.99 -32.06
C LEU B 75 0.86 11.98 -32.48
N GLY B 76 0.51 11.15 -33.46
CA GLY B 76 1.51 10.21 -34.04
C GLY B 76 1.72 9.02 -33.12
N VAL B 77 0.70 8.58 -32.38
CA VAL B 77 0.89 7.44 -31.43
C VAL B 77 -0.15 6.39 -31.64
N ASN B 78 -0.01 5.24 -31.01
CA ASN B 78 -1.03 4.17 -31.16
C ASN B 78 -1.64 3.95 -29.77
N ILE B 79 -2.95 4.04 -29.68
CA ILE B 79 -3.64 3.92 -28.43
C ILE B 79 -4.58 2.73 -28.51
N ALA B 80 -4.53 1.82 -27.56
CA ALA B 80 -5.53 0.67 -27.55
C ALA B 80 -7.00 1.08 -27.17
N ILE B 81 -8.00 0.35 -27.69
CA ILE B 81 -9.37 0.67 -27.35
C ILE B 81 -9.94 -0.56 -26.68
N ALA B 82 -10.50 -0.41 -25.48
CA ALA B 82 -10.98 -1.56 -24.73
C ALA B 82 -12.51 -1.40 -24.59
N LEU B 83 -13.22 -2.52 -24.74
CA LEU B 83 -14.69 -2.59 -24.63
C LEU B 83 -15.02 -3.32 -23.36
N ASP B 84 -15.55 -2.61 -22.37
CA ASP B 84 -15.78 -3.21 -21.03
C ASP B 84 -17.28 -3.53 -20.98
N THR B 85 -17.62 -4.82 -20.89
CA THR B 85 -18.96 -5.27 -21.10
C THR B 85 -19.82 -4.93 -19.89
N LYS B 86 -21.13 -4.76 -20.12
CA LYS B 86 -22.10 -4.64 -19.04
C LYS B 86 -22.21 -5.87 -18.16
N GLY B 87 -22.31 -7.07 -18.76
CA GLY B 87 -22.38 -8.29 -17.97
C GLY B 87 -23.78 -8.65 -17.43
N PRO B 88 -23.79 -9.98 -16.77
CA PRO B 88 -25.00 -10.38 -16.01
C PRO B 88 -25.16 -9.53 -14.75
N GLU B 89 -26.39 -9.12 -14.42
CA GLU B 89 -26.69 -8.46 -13.15
C GLU B 89 -27.87 -9.14 -12.42
N ILE B 90 -27.81 -9.15 -11.09
CA ILE B 90 -29.01 -9.39 -10.28
C ILE B 90 -29.55 -8.06 -9.83
N ARG B 91 -30.82 -7.84 -10.17
CA ARG B 91 -31.52 -6.67 -9.69
C ARG B 91 -32.86 -7.00 -8.98
N THR B 92 -33.23 -6.15 -8.04
CA THR B 92 -34.60 -6.19 -7.49
C THR B 92 -35.51 -5.65 -8.57
N GLY B 93 -36.81 -5.73 -8.32
CA GLY B 93 -37.79 -5.15 -9.21
C GLY B 93 -38.13 -3.74 -8.74
N GLN B 94 -39.30 -3.25 -9.18
CA GLN B 94 -39.86 -1.96 -8.76
C GLN B 94 -40.53 -2.08 -7.40
N PHE B 95 -40.55 -0.98 -6.65
CA PHE B 95 -41.41 -0.89 -5.48
C PHE B 95 -42.63 -0.01 -5.75
N VAL B 96 -43.68 -0.17 -4.94
CA VAL B 96 -44.84 0.73 -5.01
C VAL B 96 -44.47 2.05 -4.31
N GLY B 97 -44.92 3.15 -4.89
CA GLY B 97 -44.49 4.49 -4.49
C GLY B 97 -43.05 4.81 -4.88
N GLY B 98 -42.45 3.97 -5.73
CA GLY B 98 -41.06 4.11 -6.12
C GLY B 98 -40.02 3.91 -5.01
N ASP B 99 -40.47 3.54 -3.81
CA ASP B 99 -39.58 3.43 -2.63
C ASP B 99 -39.98 2.28 -1.67
N ALA B 100 -39.12 1.99 -0.69
CA ALA B 100 -39.39 0.92 0.29
C ALA B 100 -38.55 1.03 1.55
N VAL B 101 -39.19 1.37 2.66
CA VAL B 101 -38.45 1.72 3.85
C VAL B 101 -38.14 0.49 4.72
N MET B 102 -37.00 -0.14 4.47
CA MET B 102 -36.60 -1.36 5.22
C MET B 102 -36.01 -1.07 6.61
N GLU B 103 -36.46 -1.80 7.63
CA GLU B 103 -36.12 -1.44 9.02
C GLU B 103 -35.56 -2.58 9.82
N ARG B 104 -34.65 -2.24 10.72
CA ARG B 104 -33.92 -3.23 11.49
C ARG B 104 -34.88 -4.18 12.26
N GLY B 105 -34.58 -5.48 12.31
CA GLY B 105 -35.49 -6.45 12.96
C GLY B 105 -36.76 -6.90 12.21
N ALA B 106 -37.32 -6.04 11.34
CA ALA B 106 -38.49 -6.35 10.48
C ALA B 106 -38.38 -7.63 9.63
N THR B 107 -39.53 -8.18 9.21
CA THR B 107 -39.56 -9.34 8.29
C THR B 107 -40.03 -8.95 6.87
N CYS B 108 -39.40 -9.52 5.84
CA CYS B 108 -39.83 -9.25 4.46
C CYS B 108 -39.66 -10.48 3.62
N TYR B 109 -40.23 -10.43 2.43
CA TYR B 109 -40.29 -11.62 1.60
C TYR B 109 -39.71 -11.23 0.25
N VAL B 110 -38.76 -11.99 -0.22
CA VAL B 110 -38.16 -11.75 -1.55
C VAL B 110 -38.57 -12.90 -2.45
N THR B 111 -39.11 -12.55 -3.60
CA THR B 111 -39.62 -13.60 -4.41
C THR B 111 -39.09 -13.49 -5.81
N THR B 112 -38.94 -14.62 -6.48
CA THR B 112 -38.67 -14.62 -7.91
C THR B 112 -39.91 -14.79 -8.80
N ASP B 113 -41.09 -14.74 -8.18
CA ASP B 113 -42.35 -14.72 -8.92
C ASP B 113 -42.47 -13.44 -9.77
N PRO B 114 -42.47 -13.58 -11.11
CA PRO B 114 -42.40 -12.40 -11.98
C PRO B 114 -43.64 -11.50 -11.85
N ALA B 115 -44.76 -12.08 -11.39
CA ALA B 115 -45.96 -11.29 -10.98
C ALA B 115 -45.65 -10.03 -10.13
N PHE B 116 -44.58 -10.04 -9.35
CA PHE B 116 -44.29 -8.94 -8.42
C PHE B 116 -43.28 -7.88 -8.89
N ALA B 117 -42.89 -7.95 -10.15
CA ALA B 117 -41.80 -7.10 -10.68
C ALA B 117 -42.10 -5.60 -10.66
N ASP B 118 -43.38 -5.25 -10.78
CA ASP B 118 -43.85 -3.85 -10.73
C ASP B 118 -44.60 -3.46 -9.43
N LYS B 119 -44.66 -4.37 -8.45
CA LYS B 119 -45.54 -4.21 -7.26
C LYS B 119 -44.97 -4.85 -5.99
N GLY B 120 -43.74 -4.48 -5.64
CA GLY B 120 -43.15 -4.96 -4.39
C GLY B 120 -43.41 -3.93 -3.32
N THR B 121 -43.07 -4.25 -2.08
CA THR B 121 -43.26 -3.31 -0.98
C THR B 121 -42.25 -3.73 0.05
N LYS B 122 -42.12 -3.00 1.14
CA LYS B 122 -41.23 -3.47 2.17
C LYS B 122 -41.55 -4.91 2.59
N ASP B 123 -42.79 -5.33 2.34
CA ASP B 123 -43.29 -6.66 2.75
C ASP B 123 -42.86 -7.78 1.83
N LYS B 124 -43.03 -7.56 0.54
CA LYS B 124 -42.66 -8.56 -0.42
C LYS B 124 -42.29 -7.93 -1.72
N PHE B 125 -41.11 -8.30 -2.22
CA PHE B 125 -40.69 -7.76 -3.53
C PHE B 125 -39.93 -8.78 -4.37
N TYR B 126 -39.69 -8.39 -5.59
CA TYR B 126 -39.11 -9.25 -6.58
C TYR B 126 -37.59 -9.03 -6.73
N ILE B 127 -36.85 -10.12 -6.81
CA ILE B 127 -35.46 -10.15 -7.21
C ILE B 127 -35.39 -10.94 -8.52
N ASP B 128 -34.86 -10.35 -9.58
CA ASP B 128 -34.95 -10.97 -10.93
C ASP B 128 -34.05 -12.15 -11.23
N TYR B 129 -33.41 -12.78 -10.23
CA TYR B 129 -32.57 -13.93 -10.49
C TYR B 129 -33.31 -15.21 -10.18
N GLN B 130 -33.75 -15.91 -11.21
CA GLN B 130 -34.74 -17.01 -11.07
C GLN B 130 -34.29 -18.17 -10.23
N ASN B 131 -32.97 -18.33 -10.17
CA ASN B 131 -32.36 -19.34 -9.32
C ASN B 131 -32.10 -18.91 -7.89
N LEU B 132 -32.57 -17.73 -7.47
CA LEU B 132 -32.30 -17.26 -6.07
C LEU B 132 -32.42 -18.36 -4.99
N SER B 133 -33.58 -19.06 -4.97
CA SER B 133 -33.91 -20.04 -3.90
C SER B 133 -33.04 -21.27 -3.86
N LYS B 134 -32.69 -21.79 -5.04
CA LYS B 134 -31.78 -22.94 -5.13
C LYS B 134 -30.37 -22.54 -4.61
N VAL B 135 -29.98 -21.30 -4.87
CA VAL B 135 -28.60 -20.97 -4.61
C VAL B 135 -28.39 -20.53 -3.17
N VAL B 136 -29.39 -19.90 -2.57
CA VAL B 136 -29.29 -19.42 -1.19
C VAL B 136 -29.71 -20.47 -0.12
N ARG B 137 -29.28 -20.31 1.13
CA ARG B 137 -29.71 -21.18 2.25
C ARG B 137 -29.91 -20.35 3.54
N PRO B 138 -30.68 -20.89 4.53
CA PRO B 138 -30.87 -20.17 5.81
C PRO B 138 -29.52 -19.81 6.46
N GLY B 139 -29.38 -18.57 6.94
CA GLY B 139 -28.12 -18.05 7.45
C GLY B 139 -27.42 -17.13 6.45
N ASN B 140 -27.54 -17.45 5.17
CA ASN B 140 -26.87 -16.68 4.12
C ASN B 140 -27.35 -15.28 4.14
N TYR B 141 -26.58 -14.36 3.61
CA TYR B 141 -27.00 -13.00 3.65
C TYR B 141 -27.29 -12.62 2.23
N ILE B 142 -28.09 -11.59 2.01
CA ILE B 142 -28.32 -11.19 0.66
C ILE B 142 -28.12 -9.74 0.82
N TYR B 143 -27.16 -9.15 0.07
CA TYR B 143 -26.87 -7.69 0.10
C TYR B 143 -27.62 -7.03 -1.02
N ILE B 144 -28.06 -5.82 -0.79
CA ILE B 144 -28.83 -5.09 -1.78
C ILE B 144 -28.39 -3.70 -1.63
N ASP B 145 -28.39 -2.96 -2.72
CA ASP B 145 -27.89 -1.59 -2.71
C ASP B 145 -26.39 -1.44 -2.23
N ASP B 146 -25.45 -1.89 -3.07
CA ASP B 146 -24.01 -1.71 -2.83
C ASP B 146 -23.52 -2.46 -1.59
N GLY B 147 -24.35 -3.36 -1.08
CA GLY B 147 -24.06 -4.04 0.18
C GLY B 147 -24.41 -3.18 1.38
N ILE B 148 -25.12 -2.07 1.15
CA ILE B 148 -25.57 -1.25 2.24
C ILE B 148 -26.64 -2.03 3.03
N LEU B 149 -27.74 -2.41 2.36
CA LEU B 149 -28.85 -3.14 3.01
C LEU B 149 -28.49 -4.62 3.10
N ILE B 150 -28.28 -5.13 4.32
CA ILE B 150 -28.01 -6.55 4.48
C ILE B 150 -29.25 -7.33 5.02
N LEU B 151 -29.80 -8.25 4.21
CA LEU B 151 -30.91 -9.07 4.69
C LEU B 151 -30.33 -10.42 5.07
N GLN B 152 -30.83 -11.03 6.14
CA GLN B 152 -30.50 -12.44 6.35
C GLN B 152 -31.66 -13.41 6.02
N VAL B 153 -31.29 -14.54 5.42
CA VAL B 153 -32.24 -15.51 4.95
C VAL B 153 -32.59 -16.49 6.06
N GLN B 154 -33.88 -16.52 6.42
CA GLN B 154 -34.35 -17.40 7.51
C GLN B 154 -34.93 -18.70 6.93
N SER B 155 -35.74 -18.58 5.87
CA SER B 155 -36.48 -19.74 5.39
C SER B 155 -37.01 -19.55 3.99
N HIS B 156 -37.33 -20.69 3.38
CA HIS B 156 -38.10 -20.78 2.16
C HIS B 156 -39.59 -20.71 2.49
N GLU B 157 -40.17 -19.52 2.41
CA GLU B 157 -41.63 -19.38 2.48
C GLU B 157 -42.32 -20.31 1.48
N ASP B 158 -41.89 -20.28 0.22
CA ASP B 158 -42.31 -21.28 -0.77
C ASP B 158 -41.17 -21.47 -1.77
N GLU B 159 -41.36 -22.31 -2.79
CA GLU B 159 -40.28 -22.59 -3.71
C GLU B 159 -39.67 -21.38 -4.51
N GLN B 160 -40.30 -20.20 -4.43
CA GLN B 160 -39.87 -18.97 -5.11
C GLN B 160 -39.76 -17.78 -4.19
N THR B 161 -39.92 -17.99 -2.89
CA THR B 161 -40.01 -16.87 -2.01
C THR B 161 -39.22 -17.17 -0.77
N LEU B 162 -38.42 -16.18 -0.35
CA LEU B 162 -37.59 -16.37 0.83
C LEU B 162 -38.08 -15.44 1.91
N GLU B 163 -38.21 -15.97 3.11
CA GLU B 163 -38.53 -15.12 4.25
C GLU B 163 -37.21 -14.59 4.77
N CYS B 164 -37.10 -13.27 4.89
CA CYS B 164 -35.85 -12.66 5.33
C CYS B 164 -36.03 -11.80 6.55
N THR B 165 -35.06 -11.85 7.48
CA THR B 165 -34.86 -10.74 8.46
C THR B 165 -34.16 -9.55 7.81
N VAL B 166 -34.58 -8.34 8.14
CA VAL B 166 -33.78 -7.16 7.85
C VAL B 166 -32.74 -6.94 9.00
N THR B 167 -31.45 -7.18 8.70
CA THR B 167 -30.41 -7.07 9.75
C THR B 167 -30.02 -5.63 10.06
N ASN B 168 -30.44 -4.68 9.21
CA ASN B 168 -30.19 -3.26 9.46
C ASN B 168 -31.00 -2.36 8.55
N SER B 169 -31.19 -1.13 8.94
CA SER B 169 -32.14 -0.29 8.28
C SER B 169 -31.58 0.39 7.08
N HIS B 170 -32.45 0.79 6.19
CA HIS B 170 -32.04 1.51 5.01
C HIS B 170 -33.36 1.66 4.30
N THR B 171 -33.47 2.65 3.45
CA THR B 171 -34.48 2.74 2.43
C THR B 171 -33.81 2.32 1.18
N ILE B 172 -34.54 1.65 0.32
CA ILE B 172 -34.03 1.30 -0.98
C ILE B 172 -34.99 1.65 -2.08
N SER B 173 -34.58 2.54 -2.96
CA SER B 173 -35.36 2.89 -4.14
C SER B 173 -35.40 1.75 -5.18
N ASP B 174 -36.10 1.99 -6.29
CA ASP B 174 -36.22 1.05 -7.42
C ASP B 174 -34.95 0.38 -7.98
N ARG B 175 -35.10 -0.91 -8.28
CA ARG B 175 -34.15 -1.69 -9.09
C ARG B 175 -32.70 -1.71 -8.64
N ARG B 176 -32.47 -1.97 -7.37
CA ARG B 176 -31.11 -2.08 -6.89
C ARG B 176 -30.44 -3.41 -7.25
N GLY B 177 -29.11 -3.45 -7.13
CA GLY B 177 -28.37 -4.62 -7.53
C GLY B 177 -28.11 -5.40 -6.28
N VAL B 178 -28.02 -6.70 -6.42
CA VAL B 178 -27.87 -7.49 -5.25
C VAL B 178 -26.62 -8.33 -5.38
N ASN B 179 -26.09 -8.76 -4.23
CA ASN B 179 -24.99 -9.69 -4.21
C ASN B 179 -25.28 -10.84 -3.26
N LEU B 180 -24.49 -11.89 -3.36
CA LEU B 180 -24.71 -13.11 -2.66
C LEU B 180 -23.34 -13.67 -2.15
N PRO B 181 -22.83 -13.09 -1.04
CA PRO B 181 -21.43 -13.36 -0.73
C PRO B 181 -21.17 -14.78 -0.42
N GLY B 182 -22.17 -15.48 0.10
CA GLY B 182 -21.98 -16.88 0.47
C GLY B 182 -22.34 -17.78 -0.70
N CYS B 183 -22.61 -17.16 -1.85
CA CYS B 183 -23.37 -17.88 -2.87
C CYS B 183 -22.69 -17.98 -4.20
N ASP B 184 -22.66 -19.22 -4.70
CA ASP B 184 -22.22 -19.50 -6.04
C ASP B 184 -23.31 -19.09 -7.03
N VAL B 185 -23.18 -17.89 -7.57
CA VAL B 185 -24.17 -17.38 -8.53
C VAL B 185 -23.98 -18.07 -9.85
N ASP B 186 -25.06 -18.54 -10.49
CA ASP B 186 -24.90 -19.34 -11.74
C ASP B 186 -25.54 -18.75 -12.98
N LEU B 187 -25.63 -17.42 -13.00
CA LEU B 187 -26.00 -16.64 -14.19
C LEU B 187 -25.09 -16.90 -15.35
N PRO B 188 -25.56 -16.53 -16.54
CA PRO B 188 -24.83 -16.77 -17.79
C PRO B 188 -23.58 -15.91 -17.91
N ALA B 189 -22.64 -16.35 -18.70
CA ALA B 189 -21.41 -15.62 -18.87
C ALA B 189 -21.67 -14.27 -19.48
N VAL B 190 -22.36 -14.29 -20.61
CA VAL B 190 -22.53 -13.11 -21.38
C VAL B 190 -24.02 -13.06 -21.55
N SER B 191 -24.59 -11.86 -21.41
CA SER B 191 -26.02 -11.70 -21.63
C SER B 191 -26.27 -11.41 -23.11
N ALA B 192 -27.56 -11.35 -23.50
CA ALA B 192 -27.89 -11.04 -24.89
C ALA B 192 -27.33 -9.68 -25.27
N LYS B 193 -27.49 -8.69 -24.39
CA LYS B 193 -26.89 -7.40 -24.67
C LYS B 193 -25.32 -7.48 -24.88
N ASP B 194 -24.64 -8.34 -24.12
CA ASP B 194 -23.17 -8.49 -24.28
C ASP B 194 -22.83 -9.07 -25.64
N ARG B 195 -23.64 -10.05 -26.09
CA ARG B 195 -23.39 -10.66 -27.41
C ARG B 195 -23.48 -9.63 -28.52
N VAL B 196 -24.45 -8.71 -28.34
CA VAL B 196 -24.74 -7.64 -29.28
C VAL B 196 -23.55 -6.67 -29.25
N ASP B 197 -23.22 -6.19 -28.05
CA ASP B 197 -22.01 -5.31 -27.86
C ASP B 197 -20.69 -5.90 -28.40
N LEU B 198 -20.46 -7.20 -28.14
CA LEU B 198 -19.21 -7.85 -28.56
C LEU B 198 -19.09 -7.93 -30.09
N GLN B 199 -20.22 -8.20 -30.78
CA GLN B 199 -20.20 -8.21 -32.21
C GLN B 199 -19.92 -6.81 -32.74
N PHE B 200 -20.53 -5.80 -32.13
CA PHE B 200 -20.23 -4.42 -32.50
C PHE B 200 -18.74 -4.07 -32.27
N GLY B 201 -18.18 -4.50 -31.14
CA GLY B 201 -16.69 -4.40 -30.90
C GLY B 201 -15.86 -5.01 -32.03
N VAL B 202 -16.22 -6.22 -32.46
CA VAL B 202 -15.54 -6.87 -33.59
C VAL B 202 -15.68 -5.99 -34.87
N GLU B 203 -16.90 -5.58 -35.21
CA GLU B 203 -17.05 -4.74 -36.44
C GLU B 203 -16.22 -3.46 -36.39
N GLN B 204 -16.12 -2.85 -35.21
CA GLN B 204 -15.39 -1.57 -35.09
C GLN B 204 -13.86 -1.72 -34.81
N GLY B 205 -13.41 -2.94 -34.64
CA GLY B 205 -11.99 -3.22 -34.54
C GLY B 205 -11.40 -2.88 -33.17
N VAL B 206 -12.13 -3.08 -32.08
CA VAL B 206 -11.52 -2.86 -30.72
C VAL B 206 -10.34 -3.79 -30.46
N ASP B 207 -9.40 -3.39 -29.59
CA ASP B 207 -8.20 -4.24 -29.38
C ASP B 207 -8.38 -5.27 -28.30
N MET B 208 -9.28 -5.02 -27.33
CA MET B 208 -9.46 -5.97 -26.22
C MET B 208 -10.82 -5.86 -25.56
N ILE B 209 -11.27 -6.96 -24.96
CA ILE B 209 -12.50 -6.95 -24.21
C ILE B 209 -12.11 -7.01 -22.72
N PHE B 210 -12.67 -6.11 -21.89
CA PHE B 210 -12.74 -6.34 -20.43
C PHE B 210 -14.09 -7.03 -20.10
N ALA B 211 -14.08 -8.33 -19.83
CA ALA B 211 -15.31 -9.14 -19.72
C ALA B 211 -15.78 -9.19 -18.28
N SER B 212 -16.96 -8.65 -18.00
CA SER B 212 -17.36 -8.45 -16.61
C SER B 212 -17.76 -9.76 -15.93
N PHE B 213 -17.52 -9.84 -14.61
CA PHE B 213 -18.08 -10.86 -13.75
C PHE B 213 -17.63 -12.28 -14.19
N ILE B 214 -16.36 -12.46 -14.58
CA ILE B 214 -15.97 -13.82 -14.93
C ILE B 214 -15.78 -14.74 -13.70
N ARG B 215 -16.39 -15.94 -13.76
CA ARG B 215 -16.48 -16.80 -12.61
C ARG B 215 -15.87 -18.16 -12.82
N SER B 216 -15.62 -18.55 -14.07
CA SER B 216 -15.09 -19.87 -14.37
C SER B 216 -14.47 -19.82 -15.75
N ALA B 217 -13.65 -20.82 -16.01
CA ALA B 217 -12.99 -20.96 -17.31
C ALA B 217 -13.94 -21.12 -18.48
N GLU B 218 -14.97 -21.93 -18.27
CA GLU B 218 -15.94 -22.19 -19.34
C GLU B 218 -16.52 -20.87 -19.88
N GLN B 219 -16.76 -19.94 -18.95
CA GLN B 219 -17.31 -18.65 -19.32
C GLN B 219 -16.39 -17.79 -20.22
N VAL B 220 -15.08 -18.08 -20.26
CA VAL B 220 -14.18 -17.30 -21.10
C VAL B 220 -14.44 -17.78 -22.51
N GLY B 221 -14.73 -19.08 -22.65
CA GLY B 221 -14.99 -19.66 -23.95
C GLY B 221 -16.23 -19.04 -24.56
N ASP B 222 -17.22 -18.73 -23.72
CA ASP B 222 -18.47 -18.08 -24.18
C ASP B 222 -18.20 -16.70 -24.72
N VAL B 223 -17.25 -16.01 -24.11
CA VAL B 223 -16.95 -14.68 -24.60
C VAL B 223 -16.26 -14.84 -25.93
N ARG B 224 -15.34 -15.82 -26.00
CA ARG B 224 -14.58 -16.07 -27.21
C ARG B 224 -15.55 -16.47 -28.36
N LYS B 225 -16.48 -17.38 -28.06
CA LYS B 225 -17.60 -17.67 -29.01
C LYS B 225 -18.33 -16.41 -29.55
N ALA B 226 -18.77 -15.54 -28.66
CA ALA B 226 -19.53 -14.36 -29.06
C ALA B 226 -18.73 -13.42 -29.99
N LEU B 227 -17.40 -13.48 -29.87
CA LEU B 227 -16.48 -12.64 -30.63
C LEU B 227 -16.35 -13.19 -32.04
N GLY B 228 -16.48 -14.52 -32.12
CA GLY B 228 -16.66 -15.18 -33.39
C GLY B 228 -15.36 -15.29 -34.15
N PRO B 229 -15.39 -15.81 -35.38
CA PRO B 229 -14.08 -16.13 -35.98
C PRO B 229 -13.35 -14.87 -36.48
N LYS B 230 -14.07 -13.80 -36.74
CA LYS B 230 -13.40 -12.55 -37.07
C LYS B 230 -12.81 -11.80 -35.84
N GLY B 231 -13.17 -12.22 -34.63
CA GLY B 231 -12.67 -11.57 -33.38
C GLY B 231 -11.58 -12.41 -32.70
N ARG B 232 -10.95 -13.31 -33.43
CA ARG B 232 -10.02 -14.23 -32.78
C ARG B 232 -8.72 -13.58 -32.24
N ASP B 233 -8.27 -12.47 -32.81
CA ASP B 233 -7.06 -11.75 -32.36
C ASP B 233 -7.30 -10.69 -31.28
N ILE B 234 -8.54 -10.56 -30.81
CA ILE B 234 -8.92 -9.55 -29.82
C ILE B 234 -8.65 -10.16 -28.46
N MET B 235 -7.98 -9.41 -27.59
CA MET B 235 -7.70 -9.93 -26.26
C MET B 235 -8.88 -10.00 -25.34
N ILE B 236 -8.99 -11.07 -24.56
CA ILE B 236 -10.02 -11.12 -23.56
C ILE B 236 -9.43 -10.98 -22.17
N ILE B 237 -9.71 -9.89 -21.49
CA ILE B 237 -9.21 -9.70 -20.12
C ILE B 237 -10.37 -10.03 -19.20
N CYS B 238 -10.25 -11.05 -18.34
CA CYS B 238 -11.31 -11.36 -17.36
C CYS B 238 -11.37 -10.46 -16.13
N LYS B 239 -12.54 -9.88 -15.88
CA LYS B 239 -12.71 -9.09 -14.66
C LYS B 239 -13.12 -10.06 -13.56
N ILE B 240 -12.34 -10.05 -12.50
CA ILE B 240 -12.53 -10.88 -11.33
C ILE B 240 -13.20 -9.95 -10.33
N GLU B 241 -14.45 -10.26 -9.95
CA GLU B 241 -15.32 -9.33 -9.22
C GLU B 241 -16.00 -10.00 -8.02
N ASN B 242 -15.85 -11.31 -7.85
CA ASN B 242 -16.40 -12.00 -6.67
C ASN B 242 -15.64 -13.28 -6.22
N HIS B 243 -16.10 -13.93 -5.16
CA HIS B 243 -15.35 -15.00 -4.61
C HIS B 243 -15.14 -16.19 -5.63
N GLN B 244 -16.07 -16.45 -6.54
CA GLN B 244 -15.91 -17.59 -7.49
C GLN B 244 -14.77 -17.36 -8.46
N GLY B 245 -14.68 -16.14 -8.98
CA GLY B 245 -13.57 -15.72 -9.76
C GLY B 245 -12.27 -15.94 -9.03
N VAL B 246 -12.19 -15.54 -7.78
CA VAL B 246 -10.94 -15.75 -6.98
C VAL B 246 -10.62 -17.25 -6.84
N GLN B 247 -11.65 -18.05 -6.52
CA GLN B 247 -11.45 -19.45 -6.24
C GLN B 247 -10.96 -20.15 -7.49
N ASN B 248 -11.58 -19.79 -8.62
CA ASN B 248 -11.25 -20.41 -9.89
C ASN B 248 -10.15 -19.66 -10.64
N ILE B 249 -9.45 -18.79 -9.94
CA ILE B 249 -8.46 -17.99 -10.63
C ILE B 249 -7.54 -18.78 -11.56
N ASP B 250 -7.03 -19.94 -11.13
CA ASP B 250 -5.99 -20.59 -11.96
C ASP B 250 -6.53 -21.01 -13.37
N SER B 251 -7.71 -21.59 -13.38
CA SER B 251 -8.28 -22.06 -14.66
C SER B 251 -8.73 -20.86 -15.53
N ILE B 252 -9.18 -19.76 -14.90
CA ILE B 252 -9.54 -18.53 -15.68
C ILE B 252 -8.31 -17.90 -16.33
N ILE B 253 -7.23 -17.73 -15.54
CA ILE B 253 -6.00 -17.22 -16.12
C ILE B 253 -5.54 -18.02 -17.32
N GLU B 254 -5.58 -19.34 -17.17
CA GLU B 254 -5.11 -20.20 -18.25
C GLU B 254 -5.92 -20.04 -19.57
N GLU B 255 -7.23 -19.78 -19.47
CA GLU B 255 -8.01 -19.50 -20.67
C GLU B 255 -8.00 -18.04 -21.14
N SER B 256 -7.80 -17.08 -20.27
CA SER B 256 -7.92 -15.68 -20.69
C SER B 256 -6.62 -15.13 -21.23
N ASP B 257 -6.60 -13.91 -21.69
CA ASP B 257 -5.39 -13.26 -22.12
C ASP B 257 -4.88 -12.34 -21.01
N GLY B 258 -5.64 -12.20 -19.91
CA GLY B 258 -5.14 -11.35 -18.82
C GLY B 258 -6.26 -11.15 -17.84
N ILE B 259 -5.99 -10.39 -16.75
CA ILE B 259 -6.91 -10.28 -15.62
C ILE B 259 -7.03 -8.81 -15.21
N MET B 260 -8.25 -8.43 -14.78
CA MET B 260 -8.46 -7.21 -14.04
C MET B 260 -8.97 -7.50 -12.65
N VAL B 261 -8.24 -6.95 -11.68
CA VAL B 261 -8.60 -7.05 -10.28
C VAL B 261 -9.53 -5.91 -9.93
N ALA B 262 -10.80 -6.21 -9.75
CA ALA B 262 -11.85 -5.13 -9.57
C ALA B 262 -12.02 -5.00 -8.08
N ARG B 263 -11.13 -4.24 -7.40
CA ARG B 263 -11.11 -4.23 -5.94
C ARG B 263 -12.51 -3.87 -5.36
N GLY B 264 -13.17 -2.91 -5.96
CA GLY B 264 -14.44 -2.36 -5.39
C GLY B 264 -15.60 -3.36 -5.44
N ASP B 265 -15.71 -4.09 -6.53
CA ASP B 265 -16.65 -5.21 -6.70
C ASP B 265 -16.33 -6.43 -5.81
N LEU B 266 -15.05 -6.79 -5.68
CA LEU B 266 -14.69 -7.85 -4.80
C LEU B 266 -15.02 -7.52 -3.35
N GLY B 267 -14.78 -6.25 -2.98
CA GLY B 267 -15.06 -5.68 -1.67
C GLY B 267 -16.57 -5.68 -1.26
N VAL B 268 -17.48 -5.82 -2.20
CA VAL B 268 -18.93 -6.05 -1.82
C VAL B 268 -19.08 -7.32 -0.95
N GLU B 269 -18.43 -8.42 -1.30
CA GLU B 269 -18.63 -9.63 -0.46
C GLU B 269 -17.48 -10.08 0.38
N ILE B 270 -16.31 -9.49 0.16
CA ILE B 270 -15.08 -9.95 0.83
C ILE B 270 -14.57 -8.77 1.65
N PRO B 271 -14.22 -9.00 2.93
CA PRO B 271 -13.61 -7.91 3.77
C PRO B 271 -12.41 -7.21 3.06
N ALA B 272 -12.29 -5.90 3.26
CA ALA B 272 -11.33 -5.10 2.55
C ALA B 272 -9.87 -5.57 2.73
N GLU B 273 -9.50 -6.03 3.92
CA GLU B 273 -8.12 -6.52 4.20
C GLU B 273 -7.87 -7.84 3.42
N LYS B 274 -8.94 -8.60 3.18
CA LYS B 274 -8.79 -9.81 2.37
C LYS B 274 -8.67 -9.56 0.86
N VAL B 275 -9.37 -8.57 0.36
CA VAL B 275 -9.21 -8.09 -1.03
C VAL B 275 -7.75 -7.54 -1.26
N VAL B 276 -7.16 -6.83 -0.30
CA VAL B 276 -5.70 -6.46 -0.40
C VAL B 276 -4.83 -7.67 -0.71
N VAL B 277 -5.06 -8.78 0.00
CA VAL B 277 -4.32 -10.00 -0.18
C VAL B 277 -4.71 -10.69 -1.50
N ALA B 278 -6.01 -10.75 -1.85
CA ALA B 278 -6.34 -11.35 -3.16
C ALA B 278 -5.69 -10.60 -4.28
N GLN B 279 -5.66 -9.28 -4.14
CA GLN B 279 -4.92 -8.52 -5.18
C GLN B 279 -3.47 -9.02 -5.34
N LYS B 280 -2.77 -9.21 -4.21
CA LYS B 280 -1.38 -9.74 -4.33
C LYS B 280 -1.29 -11.07 -5.01
N ILE B 281 -2.24 -11.92 -4.67
CA ILE B 281 -2.21 -13.24 -5.20
C ILE B 281 -2.49 -13.22 -6.70
N LEU B 282 -3.55 -12.52 -7.09
CA LEU B 282 -3.97 -12.51 -8.49
C LEU B 282 -2.92 -11.86 -9.31
N ILE B 283 -2.30 -10.79 -8.81
CA ILE B 283 -1.24 -10.19 -9.63
C ILE B 283 -0.01 -11.11 -9.81
N SER B 284 0.39 -11.78 -8.73
CA SER B 284 1.54 -12.71 -8.83
C SER B 284 1.27 -13.91 -9.76
N LYS B 285 0.07 -14.46 -9.66
CA LYS B 285 -0.32 -15.52 -10.59
C LYS B 285 -0.26 -15.06 -12.05
N CYS B 286 -0.73 -13.88 -12.34
CA CYS B 286 -0.56 -13.35 -13.72
C CYS B 286 0.86 -13.06 -14.11
N ASN B 287 1.66 -12.48 -13.20
CA ASN B 287 3.06 -12.25 -13.56
C ASN B 287 3.76 -13.56 -13.99
N VAL B 288 3.56 -14.61 -13.22
CA VAL B 288 4.05 -15.96 -13.50
C VAL B 288 3.48 -16.54 -14.80
N ALA B 289 2.19 -16.28 -15.06
CA ALA B 289 1.59 -16.76 -16.32
C ALA B 289 2.08 -15.98 -17.53
N GLY B 290 2.72 -14.83 -17.29
CA GLY B 290 3.17 -14.00 -18.41
C GLY B 290 2.00 -13.27 -19.12
N LYS B 291 0.94 -12.92 -18.37
CA LYS B 291 -0.24 -12.30 -18.93
C LYS B 291 -0.53 -11.00 -18.17
N PRO B 292 -1.02 -9.99 -18.89
CA PRO B 292 -1.23 -8.65 -18.26
C PRO B 292 -2.21 -8.65 -17.12
N VAL B 293 -1.95 -7.81 -16.13
CA VAL B 293 -2.91 -7.76 -15.01
C VAL B 293 -3.14 -6.30 -14.72
N ILE B 294 -4.42 -5.96 -14.57
CA ILE B 294 -4.79 -4.52 -14.28
C ILE B 294 -5.31 -4.37 -12.90
N CYS B 295 -4.86 -3.37 -12.18
CA CYS B 295 -5.44 -3.01 -10.89
C CYS B 295 -6.47 -1.92 -11.17
N ALA B 296 -7.75 -2.20 -10.85
CA ALA B 296 -8.86 -1.29 -11.17
C ALA B 296 -9.78 -0.99 -9.99
N THR B 297 -10.49 0.12 -10.18
CA THR B 297 -11.48 0.71 -9.24
C THR B 297 -10.85 1.29 -8.02
N GLN B 298 -11.47 2.35 -7.53
CA GLN B 298 -11.01 3.05 -6.31
C GLN B 298 -9.52 3.36 -6.32
N MET B 299 -9.05 3.90 -7.45
CA MET B 299 -7.63 4.18 -7.58
C MET B 299 -7.23 5.53 -6.97
N LEU B 300 -7.68 6.62 -7.58
CA LEU B 300 -7.36 7.98 -7.01
C LEU B 300 -8.75 8.66 -6.96
N GLU B 301 -9.68 7.94 -6.35
CA GLU B 301 -11.07 8.32 -6.52
C GLU B 301 -11.37 9.74 -6.04
N SER B 302 -10.78 10.17 -4.92
CA SER B 302 -11.15 11.50 -4.34
C SER B 302 -10.71 12.63 -5.30
N MET B 303 -9.84 12.28 -6.25
CA MET B 303 -9.40 13.25 -7.28
C MET B 303 -10.43 13.44 -8.43
N THR B 304 -11.59 12.73 -8.38
CA THR B 304 -12.71 13.06 -9.32
C THR B 304 -13.13 14.55 -9.10
N TYR B 305 -13.27 14.97 -7.82
CA TYR B 305 -13.76 16.32 -7.47
C TYR B 305 -12.75 17.23 -6.74
N ASN B 306 -11.66 16.68 -6.21
CA ASN B 306 -10.64 17.49 -5.54
C ASN B 306 -9.39 17.52 -6.39
N PRO B 307 -8.62 18.61 -6.25
CA PRO B 307 -7.45 18.77 -7.11
C PRO B 307 -6.24 17.86 -6.70
N ARG B 308 -6.35 17.18 -5.57
CA ARG B 308 -5.27 16.25 -5.12
C ARG B 308 -5.96 15.08 -4.46
N PRO B 309 -5.34 13.88 -4.53
CA PRO B 309 -5.91 12.70 -3.87
C PRO B 309 -5.49 12.61 -2.39
N THR B 310 -5.92 11.60 -1.64
CA THR B 310 -5.43 11.48 -0.27
C THR B 310 -4.13 10.72 -0.29
N ARG B 311 -3.40 10.80 0.82
CA ARG B 311 -2.11 10.14 0.91
C ARG B 311 -2.32 8.62 0.82
N ALA B 312 -3.43 8.13 1.38
CA ALA B 312 -3.65 6.67 1.33
C ALA B 312 -3.90 6.21 -0.09
N GLU B 313 -4.54 7.05 -0.92
CA GLU B 313 -4.78 6.69 -2.32
C GLU B 313 -3.48 6.63 -3.07
N VAL B 314 -2.56 7.56 -2.76
CA VAL B 314 -1.25 7.54 -3.39
C VAL B 314 -0.50 6.25 -3.07
N SER B 315 -0.46 5.87 -1.79
CA SER B 315 0.17 4.58 -1.44
C SER B 315 -0.49 3.35 -2.10
N ASP B 316 -1.80 3.38 -2.24
CA ASP B 316 -2.48 2.27 -2.97
C ASP B 316 -2.01 2.15 -4.42
N VAL B 317 -1.92 3.24 -5.15
CA VAL B 317 -1.33 3.24 -6.46
C VAL B 317 0.12 2.74 -6.43
N ALA B 318 0.95 3.31 -5.55
CA ALA B 318 2.34 2.83 -5.52
C ALA B 318 2.42 1.31 -5.23
N ASN B 319 1.63 0.83 -4.28
CA ASN B 319 1.69 -0.61 -3.92
C ASN B 319 1.15 -1.56 -4.98
N ALA B 320 0.24 -1.06 -5.83
CA ALA B 320 -0.15 -1.90 -7.03
C ALA B 320 1.07 -2.12 -7.90
N VAL B 321 1.85 -1.07 -8.09
CA VAL B 321 3.05 -1.25 -8.93
C VAL B 321 4.03 -2.18 -8.21
N PHE B 322 4.26 -1.99 -6.91
CA PHE B 322 5.11 -2.96 -6.18
C PHE B 322 4.62 -4.38 -6.15
N ASN B 323 3.27 -4.58 -6.14
CA ASN B 323 2.73 -5.99 -6.16
C ASN B 323 3.09 -6.67 -7.53
N GLY B 324 3.32 -5.85 -8.59
CA GLY B 324 3.63 -6.38 -9.91
C GLY B 324 2.60 -6.01 -10.98
N ALA B 325 1.69 -5.03 -10.75
CA ALA B 325 0.56 -4.80 -11.71
C ALA B 325 1.13 -4.30 -13.04
N ASP B 326 0.62 -4.74 -14.21
CA ASP B 326 1.09 -4.13 -15.47
C ASP B 326 0.44 -2.74 -15.64
N CYS B 327 -0.83 -2.64 -15.26
CA CYS B 327 -1.64 -1.43 -15.49
C CYS B 327 -2.37 -1.02 -14.27
N VAL B 328 -2.67 0.28 -14.21
CA VAL B 328 -3.51 0.88 -13.23
C VAL B 328 -4.64 1.57 -14.05
N MET B 329 -5.86 1.62 -13.52
CA MET B 329 -7.02 2.00 -14.42
C MET B 329 -7.82 3.11 -13.74
N LEU B 330 -8.14 4.19 -14.45
CA LEU B 330 -8.99 5.23 -13.91
C LEU B 330 -10.43 5.03 -14.46
N SER B 331 -11.41 5.29 -13.60
CA SER B 331 -12.83 5.13 -13.94
C SER B 331 -13.46 6.52 -13.97
N GLY B 332 -14.20 6.89 -12.93
CA GLY B 332 -14.89 8.23 -12.93
C GLY B 332 -13.92 9.39 -12.92
N GLU B 333 -12.65 9.19 -12.42
CA GLU B 333 -11.68 10.32 -12.41
C GLU B 333 -11.44 10.90 -13.77
N THR B 334 -11.54 10.08 -14.78
CA THR B 334 -11.39 10.56 -16.12
C THR B 334 -12.73 10.60 -16.86
N ALA B 335 -13.66 9.75 -16.50
CA ALA B 335 -14.91 9.72 -17.27
C ALA B 335 -15.74 10.96 -16.96
N LYS B 336 -15.81 11.36 -15.68
CA LYS B 336 -16.68 12.44 -15.30
C LYS B 336 -16.01 13.46 -14.40
N GLY B 337 -14.71 13.31 -14.13
CA GLY B 337 -14.08 14.12 -13.12
C GLY B 337 -13.78 15.58 -13.63
N LYS B 338 -13.33 16.39 -12.70
CA LYS B 338 -12.99 17.77 -12.89
C LYS B 338 -11.53 17.94 -13.26
N TYR B 339 -10.71 16.92 -13.04
CA TYR B 339 -9.25 17.06 -13.28
C TYR B 339 -8.67 15.88 -14.06
N PRO B 340 -9.27 15.53 -15.22
CA PRO B 340 -8.87 14.31 -15.91
C PRO B 340 -7.37 14.36 -16.29
N ASN B 341 -6.88 15.48 -16.80
CA ASN B 341 -5.43 15.54 -17.21
C ASN B 341 -4.54 15.41 -16.01
N GLU B 342 -4.86 16.13 -14.94
CA GLU B 342 -4.00 16.15 -13.74
C GLU B 342 -3.98 14.81 -13.04
N VAL B 343 -5.13 14.12 -12.98
CA VAL B 343 -5.13 12.79 -12.37
C VAL B 343 -4.26 11.80 -13.15
N VAL B 344 -4.31 11.84 -14.47
CA VAL B 344 -3.47 10.91 -15.25
C VAL B 344 -2.00 11.34 -15.04
N GLN B 345 -1.69 12.67 -15.01
CA GLN B 345 -0.26 13.06 -14.84
C GLN B 345 0.24 12.62 -13.50
N TYR B 346 -0.60 12.75 -12.50
CA TYR B 346 -0.24 12.36 -11.17
C TYR B 346 -0.14 10.86 -11.06
N MET B 347 -1.00 10.07 -11.67
CA MET B 347 -0.82 8.64 -11.66
C MET B 347 0.50 8.24 -12.28
N ALA B 348 0.84 8.86 -13.39
CA ALA B 348 2.09 8.50 -14.08
C ALA B 348 3.26 8.83 -13.12
N ARG B 349 3.23 9.98 -12.46
CA ARG B 349 4.34 10.39 -11.53
C ARG B 349 4.51 9.39 -10.37
N ILE B 350 3.39 8.98 -9.78
CA ILE B 350 3.42 7.96 -8.71
C ILE B 350 4.00 6.66 -9.21
N CYS B 351 3.49 6.12 -10.33
CA CYS B 351 4.04 4.91 -10.96
C CYS B 351 5.59 4.97 -11.20
N LEU B 352 6.05 6.08 -11.76
CA LEU B 352 7.49 6.32 -12.03
C LEU B 352 8.32 6.37 -10.72
N GLU B 353 7.82 7.05 -9.68
CA GLU B 353 8.47 7.04 -8.34
C GLU B 353 8.55 5.58 -7.80
N ALA B 354 7.44 4.82 -7.88
CA ALA B 354 7.42 3.46 -7.35
C ALA B 354 8.40 2.53 -8.11
N GLN B 355 8.36 2.62 -9.43
CA GLN B 355 9.21 1.81 -10.23
C GLN B 355 10.72 2.10 -9.87
N SER B 356 11.05 3.31 -9.52
CA SER B 356 12.44 3.65 -9.34
CA SER B 356 12.45 3.68 -9.28
C SER B 356 12.90 3.00 -7.98
N ALA B 357 11.97 2.57 -7.16
CA ALA B 357 12.34 1.81 -6.01
C ALA B 357 12.26 0.29 -6.13
N LEU B 358 11.51 -0.19 -7.11
CA LEU B 358 11.19 -1.62 -7.23
C LEU B 358 12.46 -2.40 -7.72
N ASN B 359 12.84 -3.49 -7.08
CA ASN B 359 13.95 -4.31 -7.54
C ASN B 359 13.42 -5.29 -8.59
N GLU B 360 13.66 -5.05 -9.89
CA GLU B 360 13.12 -5.90 -10.95
CA GLU B 360 13.15 -5.90 -10.99
C GLU B 360 13.81 -7.27 -10.94
N TYR B 361 15.05 -7.32 -10.51
CA TYR B 361 15.74 -8.58 -10.42
C TYR B 361 14.98 -9.66 -9.56
N VAL B 362 14.32 -9.21 -8.46
CA VAL B 362 13.56 -10.17 -7.62
C VAL B 362 12.51 -10.82 -8.47
N PHE B 363 11.80 -10.04 -9.30
CA PHE B 363 10.72 -10.67 -10.08
C PHE B 363 11.39 -11.66 -11.07
N PHE B 364 12.46 -11.20 -11.74
CA PHE B 364 13.11 -12.05 -12.73
C PHE B 364 13.55 -13.35 -12.09
N ASN B 365 14.24 -13.25 -10.97
CA ASN B 365 14.75 -14.45 -10.36
C ASN B 365 13.66 -15.39 -9.80
N SER B 366 12.64 -14.81 -9.17
CA SER B 366 11.47 -15.56 -8.68
C SER B 366 10.75 -16.34 -9.75
N ILE B 367 10.50 -15.71 -10.90
CA ILE B 367 9.84 -16.35 -12.03
C ILE B 367 10.77 -17.40 -12.70
N LYS B 368 12.06 -17.09 -12.81
CA LYS B 368 12.97 -18.06 -13.43
C LYS B 368 13.03 -19.32 -12.60
N LYS B 369 13.05 -19.20 -11.27
CA LYS B 369 13.15 -20.38 -10.41
C LYS B 369 11.94 -21.26 -10.42
N LEU B 370 10.82 -20.71 -10.88
CA LEU B 370 9.63 -21.50 -10.97
C LEU B 370 9.50 -22.31 -12.27
N GLN B 371 10.41 -22.10 -13.24
CA GLN B 371 10.35 -22.79 -14.53
C GLN B 371 10.74 -24.22 -14.37
N HIS B 372 9.95 -25.09 -14.98
N HIS B 372 9.94 -25.15 -14.87
CA HIS B 372 10.19 -26.54 -15.05
CA HIS B 372 10.37 -26.56 -14.77
C HIS B 372 11.33 -26.88 -16.01
C HIS B 372 11.37 -26.81 -15.89
N ILE B 373 12.35 -27.65 -15.61
CA ILE B 373 13.43 -28.05 -16.55
C ILE B 373 13.02 -29.42 -17.06
N PRO B 374 13.10 -29.68 -18.38
CA PRO B 374 13.62 -28.76 -19.37
C PRO B 374 12.64 -27.67 -19.76
N MET B 375 13.11 -26.49 -20.08
CA MET B 375 12.25 -25.40 -20.55
C MET B 375 12.02 -25.57 -22.06
N SER B 376 10.96 -25.03 -22.59
CA SER B 376 10.77 -25.07 -24.02
C SER B 376 11.66 -23.94 -24.55
N ALA B 377 11.98 -23.96 -25.84
CA ALA B 377 12.94 -23.05 -26.41
C ALA B 377 12.58 -21.57 -26.23
N ASP B 378 11.29 -21.22 -26.40
CA ASP B 378 10.91 -19.78 -26.26
C ASP B 378 11.18 -19.17 -24.87
N GLU B 379 10.81 -19.95 -23.88
CA GLU B 379 11.03 -19.62 -22.49
C GLU B 379 12.50 -19.49 -22.20
N ALA B 380 13.29 -20.40 -22.76
CA ALA B 380 14.72 -20.44 -22.55
C ALA B 380 15.39 -19.21 -23.19
N VAL B 381 14.99 -18.84 -24.41
CA VAL B 381 15.54 -17.72 -25.08
C VAL B 381 15.22 -16.38 -24.38
N CYS B 382 13.94 -16.20 -24.07
CA CYS B 382 13.50 -14.96 -23.45
C CYS B 382 14.11 -14.79 -22.03
N SER B 383 14.07 -15.82 -21.19
CA SER B 383 14.64 -15.70 -19.83
C SER B 383 16.18 -15.48 -19.93
N SER B 384 16.81 -16.16 -20.88
CA SER B 384 18.27 -15.91 -20.99
C SER B 384 18.64 -14.59 -21.60
N ALA B 385 17.84 -14.10 -22.55
CA ALA B 385 17.98 -12.70 -22.99
C ALA B 385 17.85 -11.64 -21.87
N VAL B 386 16.86 -11.81 -20.98
CA VAL B 386 16.80 -10.92 -19.78
C VAL B 386 18.00 -11.16 -18.86
N ASN B 387 18.40 -12.41 -18.66
CA ASN B 387 19.58 -12.67 -17.82
C ASN B 387 20.78 -11.93 -18.37
N SER B 388 20.95 -11.95 -19.71
CA SER B 388 22.08 -11.23 -20.38
C SER B 388 22.03 -9.71 -20.14
N VAL B 389 20.81 -9.14 -20.04
CA VAL B 389 20.69 -7.69 -19.65
C VAL B 389 21.37 -7.46 -18.31
N TYR B 390 21.04 -8.29 -17.31
CA TYR B 390 21.60 -8.06 -15.98
C TYR B 390 23.08 -8.41 -15.94
N GLU B 391 23.49 -9.46 -16.68
CA GLU B 391 24.92 -9.84 -16.68
C GLU B 391 25.79 -8.83 -17.34
N THR B 392 25.30 -8.15 -18.40
CA THR B 392 26.15 -7.16 -19.12
C THR B 392 25.81 -5.70 -18.78
N LYS B 393 24.79 -5.49 -17.92
CA LYS B 393 24.24 -4.11 -17.67
C LYS B 393 23.85 -3.41 -18.96
N ALA B 394 23.16 -4.15 -19.80
CA ALA B 394 22.68 -3.59 -21.05
C ALA B 394 21.62 -2.55 -20.72
N LYS B 395 21.44 -1.57 -21.62
CA LYS B 395 20.57 -0.45 -21.37
C LYS B 395 19.26 -0.43 -22.16
N ALA B 396 19.07 -1.40 -23.04
CA ALA B 396 17.80 -1.58 -23.67
C ALA B 396 17.71 -3.02 -24.17
N MET B 397 16.50 -3.45 -24.46
CA MET B 397 16.29 -4.65 -25.28
C MET B 397 15.52 -4.31 -26.55
N VAL B 398 15.81 -4.98 -27.66
CA VAL B 398 14.98 -4.79 -28.81
C VAL B 398 14.40 -6.17 -29.14
N VAL B 399 13.06 -6.30 -29.26
CA VAL B 399 12.44 -7.60 -29.47
C VAL B 399 11.60 -7.51 -30.79
N LEU B 400 11.95 -8.27 -31.80
CA LEU B 400 11.13 -8.27 -33.02
C LEU B 400 9.99 -9.24 -32.77
N SER B 401 8.75 -8.74 -32.79
CA SER B 401 7.62 -9.62 -32.52
C SER B 401 6.43 -9.13 -33.41
N ASN B 402 5.86 -9.99 -34.21
CA ASN B 402 4.74 -9.60 -34.99
C ASN B 402 3.40 -9.72 -34.30
N THR B 403 3.18 -10.78 -33.53
CA THR B 403 1.92 -10.91 -32.78
C THR B 403 2.03 -10.30 -31.34
N GLY B 404 3.26 -9.94 -30.94
CA GLY B 404 3.58 -9.37 -29.55
C GLY B 404 3.82 -10.50 -28.51
N ARG B 405 3.64 -11.74 -28.93
CA ARG B 405 3.80 -12.90 -28.03
C ARG B 405 5.17 -12.93 -27.36
N SER B 406 6.22 -12.85 -28.16
CA SER B 406 7.55 -12.88 -27.58
C SER B 406 7.85 -11.58 -26.81
N ALA B 407 7.24 -10.44 -27.21
CA ALA B 407 7.43 -9.22 -26.41
C ALA B 407 6.80 -9.44 -25.02
N ARG B 408 5.65 -10.10 -24.94
CA ARG B 408 5.05 -10.31 -23.60
C ARG B 408 5.91 -11.28 -22.82
N LEU B 409 6.49 -12.22 -23.57
CA LEU B 409 7.39 -13.24 -22.90
C LEU B 409 8.67 -12.68 -22.33
N VAL B 410 9.30 -11.76 -23.04
CA VAL B 410 10.41 -11.01 -22.48
C VAL B 410 9.98 -10.15 -21.33
N ALA B 411 8.83 -9.46 -21.48
CA ALA B 411 8.40 -8.57 -20.39
C ALA B 411 8.11 -9.28 -19.08
N LYS B 412 7.61 -10.49 -19.21
CA LYS B 412 7.35 -11.34 -18.07
C LYS B 412 8.62 -11.46 -17.19
N TYR B 413 9.81 -11.55 -17.80
CA TYR B 413 11.05 -11.80 -17.04
C TYR B 413 11.59 -10.50 -16.44
N ARG B 414 10.96 -9.34 -16.74
CA ARG B 414 11.25 -8.14 -15.98
C ARG B 414 12.77 -7.70 -16.04
N PRO B 415 13.24 -7.35 -17.21
CA PRO B 415 14.60 -6.78 -17.33
C PRO B 415 14.58 -5.40 -16.59
N ASN B 416 15.77 -4.86 -16.23
CA ASN B 416 15.68 -3.55 -15.56
C ASN B 416 15.98 -2.45 -16.57
N CYS B 417 15.54 -2.60 -17.79
CA CYS B 417 15.79 -1.62 -18.82
C CYS B 417 14.50 -1.61 -19.71
N PRO B 418 14.33 -0.58 -20.56
CA PRO B 418 13.24 -0.59 -21.53
C PRO B 418 13.29 -1.71 -22.54
N ILE B 419 12.10 -2.18 -22.90
CA ILE B 419 12.01 -3.12 -23.99
C ILE B 419 11.36 -2.39 -25.18
N VAL B 420 11.98 -2.50 -26.34
CA VAL B 420 11.40 -1.88 -27.55
C VAL B 420 10.95 -2.99 -28.44
N CYS B 421 9.65 -3.08 -28.73
CA CYS B 421 9.19 -4.12 -29.60
C CYS B 421 8.97 -3.56 -31.01
N VAL B 422 9.58 -4.20 -32.02
CA VAL B 422 9.46 -3.75 -33.41
C VAL B 422 8.50 -4.77 -34.03
N THR B 423 7.39 -4.28 -34.60
CA THR B 423 6.33 -5.18 -35.10
C THR B 423 5.80 -4.64 -36.41
N THR B 424 5.27 -5.54 -37.24
CA THR B 424 4.71 -5.12 -38.50
C THR B 424 3.20 -4.95 -38.40
N ARG B 425 2.61 -5.08 -37.22
CA ARG B 425 1.16 -5.00 -37.06
C ARG B 425 0.80 -3.84 -36.11
N LEU B 426 -0.02 -2.90 -36.58
CA LEU B 426 -0.48 -1.79 -35.72
C LEU B 426 -1.29 -2.30 -34.56
N GLN B 427 -2.01 -3.38 -34.78
CA GLN B 427 -2.78 -3.93 -33.70
C GLN B 427 -1.92 -4.45 -32.54
N THR B 428 -0.74 -4.93 -32.88
CA THR B 428 0.24 -5.35 -31.91
C THR B 428 0.74 -4.14 -31.14
N CYS B 429 1.11 -3.08 -31.83
CA CYS B 429 1.46 -1.81 -31.09
C CYS B 429 0.37 -1.42 -30.06
N ARG B 430 -0.87 -1.47 -30.49
CA ARG B 430 -1.96 -1.12 -29.55
C ARG B 430 -2.10 -2.18 -28.47
N GLN B 431 -2.11 -3.48 -28.80
CA GLN B 431 -2.36 -4.40 -27.72
C GLN B 431 -1.21 -4.46 -26.64
N LEU B 432 0.00 -4.14 -27.05
CA LEU B 432 1.12 -4.14 -26.05
C LEU B 432 1.04 -2.99 -25.10
N ASN B 433 0.14 -2.02 -25.33
CA ASN B 433 -0.13 -0.95 -24.32
C ASN B 433 -0.64 -1.46 -22.98
N ILE B 434 -1.01 -2.71 -22.84
CA ILE B 434 -1.33 -3.21 -21.52
C ILE B 434 -0.23 -4.08 -20.94
N THR B 435 0.93 -4.08 -21.57
CA THR B 435 2.06 -4.82 -21.02
C THR B 435 3.11 -3.82 -20.47
N GLN B 436 3.52 -3.98 -19.20
CA GLN B 436 4.47 -3.03 -18.58
C GLN B 436 5.84 -3.13 -19.26
N GLY B 437 6.51 -1.99 -19.39
CA GLY B 437 7.89 -2.01 -19.70
C GLY B 437 8.19 -2.08 -21.19
N VAL B 438 7.14 -2.12 -22.07
CA VAL B 438 7.37 -2.25 -23.51
C VAL B 438 6.94 -0.95 -24.24
N GLU B 439 7.68 -0.56 -25.27
CA GLU B 439 7.23 0.52 -26.15
C GLU B 439 7.31 -0.07 -27.56
N SER B 440 6.34 0.19 -28.45
CA SER B 440 6.30 -0.46 -29.73
C SER B 440 6.68 0.48 -30.83
N VAL B 441 7.37 -0.07 -31.83
CA VAL B 441 7.73 0.68 -32.99
C VAL B 441 7.16 -0.07 -34.16
N PHE B 442 6.31 0.63 -34.91
CA PHE B 442 5.62 0.02 -36.07
C PHE B 442 6.58 0.04 -37.26
N PHE B 443 6.79 -1.09 -37.89
CA PHE B 443 7.64 -1.20 -39.08
C PHE B 443 6.68 -1.52 -40.27
N ASP B 444 6.53 -0.54 -41.15
CA ASP B 444 5.54 -0.63 -42.24
C ASP B 444 6.01 -1.52 -43.39
N ALA B 445 5.67 -2.80 -43.32
CA ALA B 445 6.20 -3.80 -44.24
C ALA B 445 5.77 -3.60 -45.71
N ASP B 446 4.63 -2.97 -45.96
CA ASP B 446 4.27 -2.57 -47.32
C ASP B 446 5.17 -1.47 -47.80
N LYS B 447 5.20 -0.36 -47.07
CA LYS B 447 5.93 0.84 -47.46
C LYS B 447 7.47 0.67 -47.45
N LEU B 448 7.99 -0.43 -46.89
CA LEU B 448 9.44 -0.60 -46.60
C LEU B 448 10.01 -1.99 -46.91
N GLY B 449 9.17 -2.97 -47.22
CA GLY B 449 9.60 -4.34 -47.59
C GLY B 449 9.45 -5.36 -46.47
N HIS B 450 9.60 -6.65 -46.80
CA HIS B 450 9.43 -7.71 -45.81
C HIS B 450 10.62 -7.87 -44.86
N ASP B 451 11.76 -7.23 -45.16
CA ASP B 451 12.94 -7.25 -44.30
C ASP B 451 13.18 -8.67 -43.72
N GLU B 452 13.22 -9.70 -44.56
CA GLU B 452 13.42 -11.07 -43.97
C GLU B 452 14.83 -11.35 -43.41
N GLY B 453 15.79 -10.46 -43.67
CA GLY B 453 17.09 -10.49 -42.96
C GLY B 453 17.04 -9.87 -41.55
N LYS B 454 15.97 -9.12 -41.27
CA LYS B 454 15.63 -8.52 -39.95
C LYS B 454 16.44 -7.25 -39.63
N GLU B 455 17.43 -6.96 -40.46
CA GLU B 455 18.36 -5.87 -40.19
C GLU B 455 17.69 -4.47 -40.06
N HIS B 456 16.73 -4.18 -40.94
CA HIS B 456 16.10 -2.88 -40.92
C HIS B 456 15.30 -2.73 -39.66
N ARG B 457 14.66 -3.80 -39.24
CA ARG B 457 13.79 -3.75 -38.07
C ARG B 457 14.62 -3.56 -36.82
N VAL B 458 15.76 -4.27 -36.77
CA VAL B 458 16.73 -4.16 -35.65
C VAL B 458 17.21 -2.73 -35.57
N ALA B 459 17.69 -2.16 -36.70
CA ALA B 459 18.10 -0.75 -36.75
C ALA B 459 16.98 0.20 -36.31
N ALA B 460 15.76 -0.06 -36.77
CA ALA B 460 14.67 0.82 -36.29
C ALA B 460 14.46 0.78 -34.78
N GLY B 461 14.62 -0.39 -34.15
CA GLY B 461 14.48 -0.47 -32.68
C GLY B 461 15.64 0.17 -31.96
N VAL B 462 16.85 0.01 -32.47
CA VAL B 462 18.01 0.56 -31.82
C VAL B 462 17.96 2.10 -32.02
N GLU B 463 17.53 2.51 -33.21
CA GLU B 463 17.35 3.94 -33.48
C GLU B 463 16.30 4.57 -32.53
N PHE B 464 15.21 3.86 -32.28
CA PHE B 464 14.21 4.34 -31.30
C PHE B 464 14.81 4.47 -29.89
N ALA B 465 15.52 3.44 -29.42
CA ALA B 465 16.11 3.46 -28.07
C ALA B 465 17.13 4.64 -27.95
N LYS B 466 17.92 4.87 -29.01
CA LYS B 466 18.86 6.05 -29.06
C LYS B 466 18.15 7.39 -28.95
N SER B 467 17.03 7.52 -29.68
CA SER B 467 16.25 8.77 -29.71
C SER B 467 15.56 9.09 -28.37
N LYS B 468 15.26 8.05 -27.59
CA LYS B 468 14.75 8.17 -26.25
C LYS B 468 15.87 8.39 -25.23
N GLY B 469 17.13 8.34 -25.63
CA GLY B 469 18.24 8.49 -24.68
C GLY B 469 18.46 7.22 -23.85
N TYR B 470 17.90 6.10 -24.26
CA TYR B 470 18.13 4.83 -23.52
C TYR B 470 19.53 4.26 -23.69
N VAL B 471 20.05 4.29 -24.92
CA VAL B 471 21.37 3.78 -25.17
C VAL B 471 22.07 4.89 -25.89
N GLN B 472 23.39 4.91 -25.78
CA GLN B 472 24.22 5.68 -26.68
C GLN B 472 25.39 4.79 -27.12
N THR B 473 26.26 5.35 -27.97
CA THR B 473 27.48 4.70 -28.45
C THR B 473 28.23 4.02 -27.30
N GLY B 474 28.52 2.73 -27.46
CA GLY B 474 29.26 2.04 -26.44
C GLY B 474 28.42 1.32 -25.39
N ASP B 475 27.08 1.45 -25.44
CA ASP B 475 26.20 0.70 -24.55
C ASP B 475 25.88 -0.67 -25.17
N TYR B 476 25.42 -1.61 -24.37
CA TYR B 476 24.94 -2.81 -24.96
C TYR B 476 23.42 -2.74 -25.03
N CYS B 477 22.90 -3.39 -26.06
CA CYS B 477 21.49 -3.60 -26.30
C CYS B 477 21.32 -5.09 -26.59
N VAL B 478 20.38 -5.73 -25.95
CA VAL B 478 20.11 -7.13 -26.21
C VAL B 478 18.98 -7.24 -27.23
N VAL B 479 19.20 -7.97 -28.31
CA VAL B 479 18.27 -8.06 -29.39
C VAL B 479 17.83 -9.50 -29.52
N ILE B 480 16.51 -9.71 -29.68
CA ILE B 480 15.91 -11.03 -29.73
C ILE B 480 14.80 -11.15 -30.79
N HIS B 481 14.75 -12.30 -31.45
N HIS B 481 14.86 -12.24 -31.55
CA HIS B 481 13.60 -12.66 -32.29
CA HIS B 481 13.67 -12.71 -32.23
C HIS B 481 13.29 -14.15 -31.96
C HIS B 481 13.32 -14.10 -31.64
N ALA B 482 12.03 -14.43 -31.55
CA ALA B 482 11.59 -15.76 -31.01
C ALA B 482 10.22 -16.21 -31.49
N TYR B 489 10.66 -23.60 -34.31
CA TYR B 489 10.19 -22.20 -34.22
C TYR B 489 11.43 -21.21 -34.08
N ALA B 490 11.81 -20.48 -35.14
CA ALA B 490 13.18 -19.89 -35.17
C ALA B 490 13.43 -18.78 -34.13
N ASN B 491 14.67 -18.68 -33.65
CA ASN B 491 14.93 -17.61 -32.74
C ASN B 491 16.45 -17.19 -32.77
N GLN B 492 16.79 -16.25 -31.94
CA GLN B 492 18.11 -15.73 -32.08
C GLN B 492 18.22 -14.53 -31.15
N THR B 493 19.38 -14.41 -30.50
CA THR B 493 19.67 -13.39 -29.52
C THR B 493 21.05 -12.91 -29.89
N ARG B 494 21.21 -11.60 -29.83
CA ARG B 494 22.49 -10.98 -30.07
CA ARG B 494 22.47 -10.93 -30.11
C ARG B 494 22.66 -9.98 -28.96
N ILE B 495 23.88 -9.86 -28.47
CA ILE B 495 24.20 -8.77 -27.58
C ILE B 495 24.94 -7.75 -28.45
N LEU B 496 24.25 -6.68 -28.78
CA LEU B 496 24.75 -5.64 -29.69
C LEU B 496 25.52 -4.52 -28.94
N LEU B 497 26.73 -4.23 -29.41
CA LEU B 497 27.42 -3.06 -28.96
C LEU B 497 26.90 -1.88 -29.81
N VAL B 498 26.36 -0.88 -29.14
CA VAL B 498 25.72 0.24 -29.85
C VAL B 498 26.75 1.19 -30.55
N GLU B 499 26.53 1.52 -31.82
CA GLU B 499 27.41 2.49 -32.56
C GLU B 499 27.09 4.00 -32.48
C1 GOL C . 6.39 17.05 15.64
O1 GOL C . 7.08 18.19 15.13
C2 GOL C . 4.88 17.22 15.87
O2 GOL C . 4.46 18.53 15.62
C3 GOL C . 4.57 16.94 17.32
O3 GOL C . 5.62 17.40 18.13
C1 GOL D . 17.12 -2.67 31.10
O1 GOL D . 17.86 -2.08 30.06
C2 GOL D . 15.70 -2.72 30.55
O2 GOL D . 14.99 -3.71 31.23
C3 GOL D . 15.05 -1.35 30.74
O3 GOL D . 15.05 -0.96 32.11
S SO4 E . 20.17 -10.02 27.39
O1 SO4 E . 19.89 -9.14 28.57
O2 SO4 E . 21.49 -9.73 26.86
O3 SO4 E . 20.25 -11.38 27.98
O4 SO4 E . 19.13 -10.11 26.40
K K F . 2.85 -15.69 7.34
K K G . 4.19 15.50 19.96
C1 GOL H . 5.47 5.08 -27.05
O1 GOL H . 6.52 5.38 -26.14
C2 GOL H . 5.96 4.00 -28.00
O2 GOL H . 6.39 4.59 -29.21
C3 GOL H . 4.88 2.97 -28.31
O3 GOL H . 4.52 2.05 -27.30
S SO4 I . 5.81 -13.59 -32.23
O1 SO4 I . 6.06 -12.80 -31.07
O2 SO4 I . 7.03 -13.49 -33.02
O3 SO4 I . 5.43 -14.93 -31.73
O4 SO4 I . 4.75 -13.10 -33.14
K K J . 13.90 0.03 -10.39
K K K . -18.90 -2.29 -17.40
#